data_5ZHH
#
_entry.id   5ZHH
#
_cell.length_a   56.319
_cell.length_b   71.568
_cell.length_c   85.121
_cell.angle_alpha   111.860
_cell.angle_beta   101.420
_cell.angle_gamma   99.110
#
_symmetry.space_group_name_H-M   'P 1'
#
loop_
_entity.id
_entity.type
_entity.pdbx_description
1 polymer Inositol-1-monophosphatase
2 water water
#
_entity_poly.entity_id   1
_entity_poly.type   'polypeptide(L)'
_entity_poly.pdbx_seq_one_letter_code
;MTNLQTFLDIATEAALAAGAVLQGYLGKLEDAITEKGRPGDLVTAADKASEAVVLEIIRRHFPQHSILAEESGKLGNQDN
EYLWAIDPLDGTTNYAHQYPAFCVSIGLLINGVPQVGVIYDPFHDELFRGAAGLGATRNRRPIKVSDTSELSKSLLVTGF
AYDRRETPDNNYAEFCHLTHLTQGVRRSGSAALDLAHVACGRVDGYWERGISPWDVVAGVILLEEAGGKVTAYDSTPLKI
ATGRILATNGSIHDNLSRALMQVPPLSAWE
;
_entity_poly.pdbx_strand_id   A,B,C,D
#
# COMPACT_ATOMS: atom_id res chain seq x y z
N THR A 2 -4.27 18.62 -23.86
CA THR A 2 -2.98 19.20 -24.23
C THR A 2 -2.77 20.53 -23.52
N ASN A 3 -3.52 21.57 -23.90
CA ASN A 3 -3.42 22.81 -23.16
C ASN A 3 -3.82 22.58 -21.71
N LEU A 4 -4.99 21.96 -21.49
CA LEU A 4 -5.43 21.62 -20.15
C LEU A 4 -4.60 20.49 -19.56
N GLN A 5 -4.11 19.59 -20.42
CA GLN A 5 -3.28 18.48 -19.95
C GLN A 5 -1.99 19.00 -19.30
N THR A 6 -1.42 20.06 -19.87
CA THR A 6 -0.23 20.66 -19.25
C THR A 6 -0.54 21.21 -17.86
N PHE A 7 -1.69 21.89 -17.72
CA PHE A 7 -2.11 22.36 -16.40
C PHE A 7 -2.32 21.19 -15.45
N LEU A 8 -2.97 20.13 -15.94
CA LEU A 8 -3.27 18.97 -15.10
C LEU A 8 -2.00 18.25 -14.67
N ASP A 9 -1.01 18.15 -15.56
CA ASP A 9 0.26 17.52 -15.20
C ASP A 9 0.91 18.24 -14.02
N ILE A 10 0.93 19.57 -14.06
CA ILE A 10 1.62 20.34 -13.02
C ILE A 10 0.82 20.30 -11.72
N ALA A 11 -0.49 20.42 -11.80
CA ALA A 11 -1.31 20.33 -10.60
C ALA A 11 -1.15 18.97 -9.92
N THR A 12 -0.99 17.91 -10.72
CA THR A 12 -0.81 16.58 -10.14
C THR A 12 0.50 16.51 -9.36
N GLU A 13 1.60 17.00 -9.94
CA GLU A 13 2.87 16.96 -9.23
C GLU A 13 2.84 17.87 -8.00
N ALA A 14 2.16 19.01 -8.09
CA ALA A 14 2.02 19.87 -6.92
C ALA A 14 1.25 19.16 -5.81
N ALA A 15 0.19 18.44 -6.18
CA ALA A 15 -0.62 17.73 -5.19
C ALA A 15 0.18 16.60 -4.55
N LEU A 16 0.93 15.84 -5.34
CA LEU A 16 1.71 14.74 -4.80
C LEU A 16 2.84 15.23 -3.92
N ALA A 17 3.51 16.32 -4.34
CA ALA A 17 4.60 16.85 -3.53
C ALA A 17 4.07 17.37 -2.20
N ALA A 18 2.95 18.09 -2.23
CA ALA A 18 2.35 18.60 -1.00
C ALA A 18 1.81 17.47 -0.14
N GLY A 19 1.21 16.45 -0.76
CA GLY A 19 0.72 15.32 0.01
C GLY A 19 1.82 14.62 0.79
N ALA A 20 3.01 14.52 0.19
CA ALA A 20 4.13 13.90 0.88
C ALA A 20 4.55 14.71 2.11
N VAL A 21 4.49 16.04 2.01
CA VAL A 21 4.77 16.88 3.17
C VAL A 21 3.75 16.63 4.27
N LEU A 22 2.45 16.57 3.92
CA LEU A 22 1.43 16.31 4.92
C LEU A 22 1.63 14.94 5.59
N GLN A 23 2.02 13.93 4.79
CA GLN A 23 2.29 12.61 5.37
C GLN A 23 3.49 12.64 6.30
N GLY A 24 4.51 13.45 6.00
CA GLY A 24 5.64 13.57 6.90
C GLY A 24 5.24 14.13 8.26
N TYR A 25 4.41 15.17 8.26
CA TYR A 25 3.98 15.79 9.51
C TYR A 25 3.00 14.94 10.33
N LEU A 26 2.24 14.07 9.67
CA LEU A 26 1.13 13.37 10.34
C LEU A 26 1.62 12.41 11.42
N VAL A 43 0.76 20.84 12.53
CA VAL A 43 -0.62 21.00 12.08
C VAL A 43 -0.78 22.38 11.47
N THR A 44 -0.42 23.41 12.24
CA THR A 44 -0.32 24.75 11.67
C THR A 44 0.86 24.81 10.71
N ALA A 45 2.00 24.22 11.13
CA ALA A 45 3.16 24.13 10.25
C ALA A 45 2.87 23.24 9.05
N ALA A 46 2.22 22.10 9.26
CA ALA A 46 1.93 21.17 8.17
C ALA A 46 1.10 21.86 7.08
N ASP A 47 0.05 22.56 7.49
CA ASP A 47 -0.77 23.30 6.55
C ASP A 47 0.03 24.37 5.81
N LYS A 48 0.88 25.08 6.53
CA LYS A 48 1.71 26.11 5.90
C LYS A 48 2.80 25.50 5.03
N ALA A 49 3.39 24.39 5.46
CA ALA A 49 4.43 23.75 4.66
C ALA A 49 3.86 23.19 3.37
N SER A 50 2.64 22.66 3.42
CA SER A 50 1.99 22.17 2.20
C SER A 50 1.74 23.31 1.21
N GLU A 51 1.24 24.44 1.71
CA GLU A 51 0.96 25.58 0.85
C GLU A 51 2.22 26.10 0.16
N ALA A 52 3.33 26.20 0.91
CA ALA A 52 4.58 26.68 0.31
C ALA A 52 5.02 25.79 -0.84
N VAL A 53 4.88 24.47 -0.68
CA VAL A 53 5.24 23.53 -1.74
C VAL A 53 4.34 23.73 -2.96
N VAL A 54 3.03 23.86 -2.74
CA VAL A 54 2.11 24.04 -3.86
C VAL A 54 2.40 25.35 -4.59
N LEU A 55 2.54 26.45 -3.83
CA LEU A 55 2.75 27.75 -4.45
C LEU A 55 4.03 27.77 -5.26
N GLU A 56 5.11 27.22 -4.71
CA GLU A 56 6.39 27.25 -5.41
C GLU A 56 6.28 26.56 -6.77
N ILE A 57 5.61 25.40 -6.81
CA ILE A 57 5.49 24.66 -8.06
C ILE A 57 4.62 25.42 -9.06
N ILE A 58 3.46 25.89 -8.63
CA ILE A 58 2.54 26.53 -9.55
C ILE A 58 3.14 27.81 -10.12
N ARG A 59 3.77 28.62 -9.26
CA ARG A 59 4.30 29.90 -9.75
C ARG A 59 5.53 29.70 -10.61
N ARG A 60 6.29 28.63 -10.38
CA ARG A 60 7.48 28.39 -11.23
C ARG A 60 7.07 27.94 -12.62
N HIS A 61 6.04 27.12 -12.74
CA HIS A 61 5.60 26.67 -14.06
C HIS A 61 4.70 27.70 -14.73
N PHE A 62 3.88 28.42 -13.98
CA PHE A 62 2.91 29.37 -14.53
C PHE A 62 3.06 30.71 -13.82
N PRO A 63 4.15 31.44 -14.09
CA PRO A 63 4.39 32.70 -13.37
C PRO A 63 3.35 33.77 -13.60
N GLN A 64 2.60 33.72 -14.71
CA GLN A 64 1.61 34.74 -15.03
C GLN A 64 0.22 34.41 -14.49
N HIS A 65 0.02 33.23 -13.89
CA HIS A 65 -1.29 32.89 -13.35
C HIS A 65 -1.47 33.53 -11.98
N SER A 66 -2.74 33.69 -11.58
CA SER A 66 -3.07 34.21 -10.27
C SER A 66 -3.48 33.06 -9.34
N ILE A 67 -3.32 33.30 -8.04
CA ILE A 67 -3.58 32.29 -7.01
C ILE A 67 -4.63 32.79 -6.03
N LEU A 68 -5.58 31.92 -5.68
CA LEU A 68 -6.52 32.14 -4.59
C LEU A 68 -6.30 31.08 -3.51
N ALA A 69 -6.07 31.52 -2.27
CA ALA A 69 -5.93 30.58 -1.16
C ALA A 69 -6.32 31.28 0.14
N GLU A 70 -6.70 30.49 1.13
CA GLU A 70 -7.16 31.07 2.40
C GLU A 70 -6.04 31.80 3.12
N GLU A 71 -4.88 31.14 3.28
CA GLU A 71 -3.82 31.71 4.11
C GLU A 71 -3.03 32.77 3.35
N SER A 72 -2.45 32.40 2.21
CA SER A 72 -1.68 33.34 1.41
C SER A 72 -2.55 34.42 0.78
N GLY A 73 -3.87 34.25 0.77
CA GLY A 73 -4.76 35.27 0.28
C GLY A 73 -4.86 35.33 -1.23
N LYS A 74 -4.94 36.54 -1.76
CA LYS A 74 -5.11 36.77 -3.19
C LYS A 74 -3.79 37.21 -3.80
N LEU A 75 -3.29 36.41 -4.73
CA LEU A 75 -2.01 36.65 -5.39
C LEU A 75 -2.25 36.96 -6.86
N GLY A 76 -1.82 38.14 -7.29
CA GLY A 76 -2.12 38.60 -8.63
C GLY A 76 -3.56 39.05 -8.73
N ASN A 77 -3.86 39.70 -9.86
CA ASN A 77 -5.21 40.19 -10.08
C ASN A 77 -6.19 39.03 -10.11
N GLN A 78 -7.28 39.15 -9.35
CA GLN A 78 -8.21 38.05 -9.21
C GLN A 78 -9.18 37.93 -10.38
N ASP A 79 -9.17 38.87 -11.33
CA ASP A 79 -9.92 38.74 -12.57
C ASP A 79 -9.07 38.17 -13.69
N ASN A 80 -7.87 37.69 -13.38
CA ASN A 80 -6.99 37.03 -14.35
C ASN A 80 -7.74 35.90 -15.04
N GLU A 81 -7.37 35.67 -16.31
CA GLU A 81 -7.92 34.53 -17.02
C GLU A 81 -7.66 33.23 -16.27
N TYR A 82 -6.49 33.11 -15.66
CA TYR A 82 -6.10 31.90 -14.93
C TYR A 82 -6.02 32.20 -13.44
N LEU A 83 -6.83 31.48 -12.66
CA LEU A 83 -6.87 31.65 -11.21
C LEU A 83 -6.89 30.29 -10.57
N TRP A 84 -5.85 29.98 -9.79
CA TRP A 84 -5.75 28.70 -9.10
C TRP A 84 -6.40 28.83 -7.72
N ALA A 85 -7.29 27.91 -7.41
CA ALA A 85 -7.97 27.86 -6.11
C ALA A 85 -7.37 26.70 -5.34
N ILE A 86 -6.56 27.02 -4.32
CA ILE A 86 -5.70 26.06 -3.64
C ILE A 86 -6.18 25.87 -2.20
N ASP A 87 -6.42 24.61 -1.81
CA ASP A 87 -6.49 24.29 -0.39
C ASP A 87 -5.34 23.36 -0.04
N PRO A 88 -4.31 23.85 0.68
CA PRO A 88 -3.17 22.98 1.00
C PRO A 88 -3.52 21.88 1.99
N LEU A 89 -4.64 21.99 2.70
CA LEU A 89 -5.04 20.98 3.67
C LEU A 89 -6.54 21.18 3.93
N ASP A 90 -7.36 20.50 3.13
CA ASP A 90 -8.79 20.47 3.39
C ASP A 90 -9.08 19.37 4.41
N GLY A 91 -9.90 19.69 5.41
CA GLY A 91 -10.14 18.76 6.49
C GLY A 91 -9.22 19.01 7.67
N THR A 92 -9.06 20.28 8.07
CA THR A 92 -8.08 20.61 9.09
C THR A 92 -8.45 20.02 10.45
N THR A 93 -9.74 20.05 10.81
CA THR A 93 -10.18 19.41 12.05
C THR A 93 -9.85 17.92 12.06
N ASN A 94 -10.16 17.23 10.95
CA ASN A 94 -9.81 15.82 10.80
C ASN A 94 -8.30 15.61 10.95
N TYR A 95 -7.52 16.45 10.28
CA TYR A 95 -6.06 16.30 10.32
C TYR A 95 -5.54 16.43 11.74
N ALA A 96 -6.04 17.44 12.47
CA ALA A 96 -5.61 17.64 13.85
C ALA A 96 -5.90 16.41 14.73
N HIS A 97 -6.96 15.67 14.42
CA HIS A 97 -7.32 14.47 15.17
C HIS A 97 -6.79 13.19 14.53
N GLN A 98 -6.06 13.31 13.41
CA GLN A 98 -5.69 12.16 12.57
C GLN A 98 -6.91 11.36 12.12
N TYR A 99 -8.06 12.02 12.00
CA TYR A 99 -9.22 11.37 11.40
C TYR A 99 -8.94 11.25 9.90
N PRO A 100 -9.00 10.07 9.33
CA PRO A 100 -8.47 9.85 7.95
C PRO A 100 -9.43 10.32 6.86
N ALA A 101 -9.61 11.65 6.76
CA ALA A 101 -10.38 12.25 5.66
C ALA A 101 -9.87 13.69 5.51
N PHE A 102 -8.72 13.82 4.84
CA PHE A 102 -8.15 15.12 4.53
C PHE A 102 -7.36 14.99 3.24
N CYS A 103 -7.10 16.12 2.60
CA CYS A 103 -6.52 16.08 1.26
C CYS A 103 -5.95 17.45 0.91
N VAL A 104 -5.19 17.46 -0.18
CA VAL A 104 -4.79 18.69 -0.88
C VAL A 104 -5.73 18.84 -2.06
N SER A 105 -6.26 20.04 -2.26
CA SER A 105 -7.16 20.33 -3.38
C SER A 105 -6.56 21.45 -4.21
N ILE A 106 -6.38 21.20 -5.51
CA ILE A 106 -5.77 22.15 -6.43
C ILE A 106 -6.67 22.27 -7.65
N GLY A 107 -7.36 23.40 -7.78
CA GLY A 107 -8.26 23.63 -8.89
C GLY A 107 -7.87 24.86 -9.67
N LEU A 108 -8.15 24.84 -10.97
CA LEU A 108 -7.86 25.98 -11.82
C LEU A 108 -9.17 26.49 -12.39
N LEU A 109 -9.42 27.79 -12.17
CA LEU A 109 -10.53 28.50 -12.80
C LEU A 109 -10.01 29.22 -14.04
N ILE A 110 -10.67 28.97 -15.18
CA ILE A 110 -10.38 29.67 -16.41
C ILE A 110 -11.58 30.58 -16.70
N ASN A 111 -11.36 31.89 -16.64
CA ASN A 111 -12.42 32.87 -16.74
C ASN A 111 -13.51 32.58 -15.73
N GLY A 112 -13.10 32.22 -14.51
CA GLY A 112 -14.00 31.95 -13.41
C GLY A 112 -14.74 30.63 -13.45
N VAL A 113 -14.35 29.70 -14.34
CA VAL A 113 -15.03 28.43 -14.50
C VAL A 113 -14.06 27.32 -14.15
N PRO A 114 -14.44 26.37 -13.28
CA PRO A 114 -13.55 25.25 -12.96
C PRO A 114 -13.25 24.40 -14.19
N GLN A 115 -11.96 24.21 -14.48
CA GLN A 115 -11.56 23.47 -15.66
C GLN A 115 -10.48 22.42 -15.41
N VAL A 116 -9.71 22.52 -14.33
CA VAL A 116 -8.70 21.51 -13.98
C VAL A 116 -8.82 21.25 -12.49
N GLY A 117 -8.77 19.98 -12.10
CA GLY A 117 -8.86 19.65 -10.70
C GLY A 117 -8.04 18.45 -10.29
N VAL A 118 -7.30 18.59 -9.19
CA VAL A 118 -6.60 17.47 -8.58
C VAL A 118 -6.90 17.47 -7.09
N ILE A 119 -7.30 16.31 -6.57
CA ILE A 119 -7.56 16.12 -5.16
C ILE A 119 -6.80 14.88 -4.71
N TYR A 120 -5.93 15.05 -3.72
CA TYR A 120 -5.05 13.96 -3.29
C TYR A 120 -5.21 13.73 -1.80
N ASP A 121 -5.68 12.54 -1.45
CA ASP A 121 -5.75 12.01 -0.09
C ASP A 121 -4.44 11.27 0.17
N PRO A 122 -3.49 11.86 0.91
CA PRO A 122 -2.20 11.20 1.10
C PRO A 122 -2.22 10.07 2.10
N PHE A 123 -3.24 10.01 2.98
CA PHE A 123 -3.31 8.93 3.96
C PHE A 123 -3.71 7.62 3.31
N HIS A 124 -4.70 7.66 2.42
CA HIS A 124 -5.13 6.48 1.67
C HIS A 124 -4.48 6.39 0.29
N ASP A 125 -3.67 7.38 -0.06
CA ASP A 125 -3.01 7.45 -1.36
C ASP A 125 -4.01 7.32 -2.50
N GLU A 126 -5.00 8.21 -2.50
CA GLU A 126 -6.00 8.27 -3.56
C GLU A 126 -5.87 9.59 -4.29
N LEU A 127 -5.55 9.52 -5.58
CA LEU A 127 -5.27 10.67 -6.42
C LEU A 127 -6.41 10.84 -7.41
N PHE A 128 -7.23 11.87 -7.23
CA PHE A 128 -8.34 12.15 -8.13
C PHE A 128 -7.92 13.25 -9.10
N ARG A 129 -8.16 13.04 -10.38
CA ARG A 129 -7.70 13.98 -11.40
C ARG A 129 -8.78 14.15 -12.46
N GLY A 130 -9.00 15.39 -12.86
CA GLY A 130 -9.97 15.68 -13.91
C GLY A 130 -9.66 17.00 -14.57
N ALA A 131 -10.01 17.08 -15.86
CA ALA A 131 -9.87 18.32 -16.61
C ALA A 131 -10.90 18.30 -17.73
N ALA A 132 -11.38 19.49 -18.10
CA ALA A 132 -12.43 19.61 -19.11
C ALA A 132 -12.05 18.87 -20.38
N GLY A 133 -12.90 17.93 -20.79
CA GLY A 133 -12.69 17.16 -21.99
C GLY A 133 -11.66 16.07 -21.89
N LEU A 134 -10.99 15.92 -20.74
CA LEU A 134 -9.94 14.93 -20.59
C LEU A 134 -10.32 13.76 -19.70
N GLY A 135 -11.47 13.80 -19.05
CA GLY A 135 -11.94 12.70 -18.25
C GLY A 135 -11.55 12.81 -16.78
N ALA A 136 -12.08 11.88 -15.99
CA ALA A 136 -11.87 11.84 -14.56
C ALA A 136 -11.29 10.48 -14.19
N THR A 137 -10.30 10.51 -13.29
CA THR A 137 -9.62 9.30 -12.86
C THR A 137 -9.37 9.34 -11.37
N ARG A 138 -9.24 8.16 -10.78
CA ARG A 138 -8.64 7.97 -9.48
C ARG A 138 -7.50 6.98 -9.61
N ASN A 139 -6.33 7.37 -9.11
CA ASN A 139 -5.09 6.61 -9.29
C ASN A 139 -4.90 6.22 -10.76
N ARG A 140 -5.21 7.17 -11.64
CA ARG A 140 -4.96 7.09 -13.08
C ARG A 140 -5.79 6.00 -13.76
N ARG A 141 -6.94 5.65 -13.17
CA ARG A 141 -7.89 4.79 -13.83
C ARG A 141 -9.24 5.47 -13.85
N PRO A 142 -10.04 5.30 -14.90
CA PRO A 142 -11.29 6.07 -15.03
C PRO A 142 -12.26 5.80 -13.89
N ILE A 143 -12.98 6.84 -13.50
CA ILE A 143 -14.04 6.76 -12.52
C ILE A 143 -15.30 7.38 -13.12
N LYS A 144 -16.45 7.00 -12.56
CA LYS A 144 -17.71 7.52 -13.07
C LYS A 144 -18.72 7.58 -11.93
N VAL A 145 -19.67 8.52 -12.06
CA VAL A 145 -20.74 8.66 -11.07
C VAL A 145 -21.60 7.39 -11.05
N SER A 146 -22.38 7.25 -9.97
CA SER A 146 -23.29 6.14 -9.80
C SER A 146 -24.52 6.27 -10.70
N ASP A 147 -25.30 5.19 -10.76
CA ASP A 147 -26.52 5.15 -11.55
C ASP A 147 -27.75 5.35 -10.70
N THR A 148 -27.58 5.55 -9.39
CA THR A 148 -28.71 5.66 -8.48
C THR A 148 -29.67 6.74 -8.96
N SER A 149 -30.96 6.38 -9.09
CA SER A 149 -31.97 7.27 -9.58
C SER A 149 -33.06 7.60 -8.56
N GLU A 150 -33.20 6.83 -7.50
CA GLU A 150 -34.22 7.06 -6.48
C GLU A 150 -33.57 7.61 -5.22
N LEU A 151 -34.17 8.67 -4.66
CA LEU A 151 -33.64 9.25 -3.43
C LEU A 151 -33.65 8.25 -2.29
N SER A 152 -34.72 7.44 -2.20
CA SER A 152 -34.82 6.44 -1.14
C SER A 152 -33.72 5.38 -1.21
N LYS A 153 -33.04 5.24 -2.34
CA LYS A 153 -31.97 4.27 -2.48
C LYS A 153 -30.60 4.93 -2.48
N SER A 154 -30.52 6.20 -2.16
CA SER A 154 -29.31 6.98 -2.29
C SER A 154 -28.55 7.05 -0.98
N LEU A 155 -27.24 7.28 -1.11
CA LEU A 155 -26.37 7.59 0.01
C LEU A 155 -25.80 8.97 -0.26
N LEU A 156 -25.97 9.87 0.71
CA LEU A 156 -25.57 11.27 0.53
C LEU A 156 -24.50 11.63 1.57
N VAL A 157 -23.97 12.84 1.42
CA VAL A 157 -23.00 13.37 2.38
C VAL A 157 -23.20 14.88 2.44
N THR A 158 -22.92 15.46 3.60
CA THR A 158 -23.05 16.90 3.78
C THR A 158 -22.07 17.34 4.86
N GLY A 159 -22.04 18.64 5.12
CA GLY A 159 -21.18 19.21 6.13
C GLY A 159 -21.86 20.37 6.81
N PHE A 160 -21.17 20.93 7.82
CA PHE A 160 -21.73 21.97 8.65
C PHE A 160 -20.66 23.04 8.87
N ALA A 161 -21.05 24.30 8.70
CA ALA A 161 -20.10 25.40 8.59
C ALA A 161 -19.65 25.87 9.98
N TYR A 162 -18.54 26.61 10.00
CA TYR A 162 -18.04 27.14 11.26
C TYR A 162 -19.02 28.12 11.89
N ASP A 163 -19.85 28.78 11.10
CA ASP A 163 -20.78 29.77 11.60
C ASP A 163 -22.10 29.18 12.08
N ARG A 164 -22.18 27.86 12.22
CA ARG A 164 -23.48 27.21 12.43
C ARG A 164 -24.17 27.65 13.72
N ARG A 165 -23.41 28.14 14.71
CA ARG A 165 -24.03 28.57 15.95
C ARG A 165 -24.59 29.98 15.88
N GLU A 166 -24.25 30.75 14.84
CA GLU A 166 -24.65 32.15 14.74
C GLU A 166 -25.84 32.38 13.81
N THR A 167 -26.23 31.38 13.02
CA THR A 167 -27.37 31.50 12.12
C THR A 167 -28.32 30.34 12.35
N PRO A 168 -29.63 30.59 12.22
CA PRO A 168 -30.59 29.47 12.28
C PRO A 168 -30.50 28.57 11.07
N ASP A 169 -30.03 29.08 9.93
CA ASP A 169 -29.83 28.27 8.73
C ASP A 169 -28.49 27.56 8.84
N ASN A 170 -28.46 26.55 9.71
CA ASN A 170 -27.23 25.84 10.06
C ASN A 170 -27.05 24.52 9.35
N ASN A 171 -27.98 24.13 8.47
CA ASN A 171 -28.01 22.90 7.68
C ASN A 171 -28.52 21.70 8.49
N TYR A 172 -28.90 21.89 9.76
CA TYR A 172 -29.39 20.75 10.54
C TYR A 172 -30.73 20.25 10.00
N ALA A 173 -31.64 21.17 9.67
CA ALA A 173 -32.93 20.77 9.14
C ALA A 173 -32.78 19.96 7.87
N GLU A 174 -31.88 20.40 6.97
CA GLU A 174 -31.60 19.63 5.76
C GLU A 174 -31.05 18.24 6.09
N PHE A 175 -30.12 18.16 7.04
CA PHE A 175 -29.54 16.87 7.41
C PHE A 175 -30.61 15.92 7.92
N CYS A 176 -31.50 16.40 8.79
CA CYS A 176 -32.56 15.54 9.31
C CYS A 176 -33.53 15.13 8.19
N HIS A 177 -33.92 16.09 7.34
CA HIS A 177 -34.84 15.79 6.25
C HIS A 177 -34.27 14.74 5.31
N LEU A 178 -33.02 14.90 4.88
CA LEU A 178 -32.46 13.93 3.94
C LEU A 178 -32.13 12.61 4.61
N THR A 179 -31.83 12.61 5.88
CA THR A 179 -31.56 11.37 6.59
C THR A 179 -32.82 10.52 6.66
N HIS A 180 -33.97 11.16 6.65
CA HIS A 180 -35.23 10.45 6.63
C HIS A 180 -35.60 9.93 5.26
N LEU A 181 -35.26 10.67 4.22
CA LEU A 181 -35.58 10.30 2.86
C LEU A 181 -34.59 9.41 2.11
N THR A 182 -33.42 9.14 2.65
CA THR A 182 -32.48 8.34 1.94
C THR A 182 -32.00 7.18 2.78
N GLN A 183 -31.02 6.46 2.28
CA GLN A 183 -30.41 5.38 3.03
C GLN A 183 -29.44 5.91 4.09
N GLY A 184 -29.10 7.16 4.06
CA GLY A 184 -28.22 7.74 5.06
C GLY A 184 -27.48 8.93 4.51
N VAL A 185 -27.05 9.80 5.42
CA VAL A 185 -26.26 10.96 5.09
C VAL A 185 -24.96 10.88 5.89
N ARG A 186 -23.84 10.75 5.19
CA ARG A 186 -22.54 10.69 5.82
C ARG A 186 -22.06 12.09 6.17
N ARG A 187 -21.07 12.15 7.07
CA ARG A 187 -20.35 13.40 7.36
C ARG A 187 -18.88 13.01 7.52
N SER A 188 -18.09 13.31 6.50
CA SER A 188 -16.68 12.91 6.48
C SER A 188 -15.77 13.96 7.07
N GLY A 189 -16.10 15.23 6.89
CA GLY A 189 -15.26 16.33 7.33
C GLY A 189 -14.36 16.93 6.27
N SER A 190 -14.46 16.51 5.00
CA SER A 190 -13.68 17.11 3.92
C SER A 190 -14.57 17.31 2.71
N ALA A 191 -14.86 18.58 2.38
CA ALA A 191 -15.72 18.88 1.24
C ALA A 191 -15.09 18.43 -0.09
N ALA A 192 -13.77 18.60 -0.23
CA ALA A 192 -13.13 18.17 -1.47
C ALA A 192 -13.24 16.66 -1.66
N LEU A 193 -12.99 15.90 -0.58
CA LEU A 193 -13.15 14.44 -0.68
C LEU A 193 -14.60 14.06 -0.88
N ASP A 194 -15.54 14.81 -0.31
CA ASP A 194 -16.95 14.52 -0.57
C ASP A 194 -17.25 14.63 -2.05
N LEU A 195 -16.76 15.68 -2.71
CA LEU A 195 -16.95 15.81 -4.16
C LEU A 195 -16.29 14.67 -4.90
N ALA A 196 -15.06 14.29 -4.51
CA ALA A 196 -14.39 13.16 -5.12
C ALA A 196 -15.17 11.87 -4.92
N HIS A 197 -15.86 11.71 -3.79
CA HIS A 197 -16.66 10.51 -3.56
C HIS A 197 -17.92 10.50 -4.43
N VAL A 198 -18.52 11.66 -4.72
CA VAL A 198 -19.57 11.67 -5.73
C VAL A 198 -19.00 11.30 -7.08
N ALA A 199 -17.81 11.82 -7.39
CA ALA A 199 -17.23 11.61 -8.72
C ALA A 199 -16.99 10.14 -9.03
N CYS A 200 -16.59 9.35 -8.03
CA CYS A 200 -16.32 7.93 -8.27
C CYS A 200 -17.46 7.02 -7.84
N GLY A 201 -18.61 7.58 -7.45
CA GLY A 201 -19.80 6.79 -7.20
C GLY A 201 -19.94 6.23 -5.80
N ARG A 202 -19.07 6.61 -4.87
CA ARG A 202 -19.17 6.10 -3.50
C ARG A 202 -20.35 6.70 -2.75
N VAL A 203 -20.77 7.90 -3.14
CA VAL A 203 -22.05 8.48 -2.73
C VAL A 203 -22.76 8.97 -3.97
N ASP A 204 -24.05 9.24 -3.83
CA ASP A 204 -24.85 9.67 -4.97
C ASP A 204 -25.01 11.18 -5.03
N GLY A 205 -24.72 11.89 -3.96
CA GLY A 205 -24.94 13.33 -3.95
C GLY A 205 -24.38 13.95 -2.69
N TYR A 206 -24.15 15.26 -2.79
CA TYR A 206 -23.50 16.04 -1.76
C TYR A 206 -24.08 17.45 -1.83
N TRP A 207 -24.35 18.04 -0.66
CA TRP A 207 -24.75 19.44 -0.60
C TRP A 207 -24.13 20.06 0.64
N GLU A 208 -23.87 21.37 0.56
CA GLU A 208 -23.29 22.05 1.71
C GLU A 208 -23.42 23.55 1.53
N ARG A 209 -23.53 24.26 2.66
CA ARG A 209 -23.45 25.70 2.69
C ARG A 209 -22.20 26.15 3.45
N GLY A 210 -21.82 27.40 3.24
CA GLY A 210 -20.66 27.93 3.92
C GLY A 210 -19.34 27.42 3.41
N ILE A 211 -19.28 26.99 2.15
CA ILE A 211 -18.02 26.50 1.60
C ILE A 211 -17.28 27.63 0.90
N SER A 212 -15.99 27.42 0.69
CA SER A 212 -15.08 28.37 0.06
C SER A 212 -14.65 27.86 -1.30
N PRO A 213 -14.20 28.76 -2.19
CA PRO A 213 -13.82 28.30 -3.54
C PRO A 213 -12.76 27.23 -3.55
N TRP A 214 -11.72 27.36 -2.71
CA TRP A 214 -10.66 26.36 -2.72
C TRP A 214 -11.15 25.00 -2.25
N ASP A 215 -12.29 24.95 -1.55
CA ASP A 215 -12.86 23.66 -1.15
C ASP A 215 -13.46 22.89 -2.32
N VAL A 216 -13.94 23.59 -3.36
CA VAL A 216 -14.84 22.96 -4.31
C VAL A 216 -14.38 23.02 -5.76
N VAL A 217 -13.48 23.95 -6.14
CA VAL A 217 -13.19 24.15 -7.56
C VAL A 217 -12.66 22.88 -8.20
N ALA A 218 -11.67 22.23 -7.57
CA ALA A 218 -11.12 21.00 -8.13
C ALA A 218 -12.18 19.91 -8.22
N GLY A 219 -12.99 19.75 -7.16
CA GLY A 219 -13.99 18.70 -7.15
C GLY A 219 -15.11 18.92 -8.14
N VAL A 220 -15.42 20.19 -8.46
CA VAL A 220 -16.53 20.48 -9.37
C VAL A 220 -16.21 19.94 -10.77
N ILE A 221 -15.01 20.25 -11.28
CA ILE A 221 -14.68 19.78 -12.63
C ILE A 221 -14.47 18.27 -12.64
N LEU A 222 -13.87 17.73 -11.58
CA LEU A 222 -13.74 16.28 -11.44
C LEU A 222 -15.10 15.61 -11.55
N LEU A 223 -16.08 16.11 -10.80
CA LEU A 223 -17.40 15.49 -10.80
C LEU A 223 -18.07 15.64 -12.16
N GLU A 224 -17.97 16.82 -12.77
CA GLU A 224 -18.57 17.01 -14.08
C GLU A 224 -17.95 16.10 -15.13
N GLU A 225 -16.62 15.96 -15.13
CA GLU A 225 -15.97 15.05 -16.06
C GLU A 225 -16.37 13.60 -15.80
N ALA A 226 -16.67 13.26 -14.54
CA ALA A 226 -17.11 11.92 -14.19
C ALA A 226 -18.58 11.66 -14.56
N GLY A 227 -19.28 12.66 -15.09
CA GLY A 227 -20.65 12.49 -15.50
C GLY A 227 -21.68 13.07 -14.55
N GLY A 228 -21.26 13.80 -13.53
CA GLY A 228 -22.17 14.36 -12.55
C GLY A 228 -22.63 15.76 -12.88
N LYS A 229 -23.33 16.38 -11.91
CA LYS A 229 -23.95 17.67 -12.10
C LYS A 229 -23.81 18.52 -10.83
N VAL A 230 -23.49 19.80 -11.00
CA VAL A 230 -23.24 20.72 -9.89
C VAL A 230 -24.02 22.01 -10.13
N THR A 231 -24.89 22.37 -9.18
CA THR A 231 -25.72 23.57 -9.28
C THR A 231 -25.89 24.19 -7.90
N ALA A 232 -26.68 25.26 -7.84
CA ALA A 232 -27.21 25.74 -6.58
C ALA A 232 -28.27 24.78 -6.06
N TYR A 233 -28.75 25.04 -4.84
CA TYR A 233 -29.76 24.15 -4.24
C TYR A 233 -31.00 24.04 -5.12
N ASP A 234 -31.42 25.15 -5.74
CA ASP A 234 -32.66 25.17 -6.53
C ASP A 234 -32.44 24.79 -7.99
N SER A 235 -31.25 24.28 -8.34
CA SER A 235 -30.85 23.83 -9.67
C SER A 235 -30.57 24.97 -10.64
N THR A 236 -30.61 26.22 -10.20
CA THR A 236 -30.04 27.29 -11.00
C THR A 236 -28.52 27.16 -10.95
N PRO A 237 -27.78 27.81 -11.86
CA PRO A 237 -26.34 27.56 -11.98
C PRO A 237 -25.58 27.79 -10.68
N LEU A 238 -24.50 27.03 -10.52
CA LEU A 238 -23.63 27.15 -9.35
C LEU A 238 -23.12 28.58 -9.20
N LYS A 239 -23.19 29.10 -7.98
CA LYS A 239 -22.64 30.41 -7.62
C LYS A 239 -21.76 30.19 -6.39
N ILE A 240 -20.47 29.96 -6.63
CA ILE A 240 -19.55 29.60 -5.55
C ILE A 240 -19.48 30.72 -4.52
N ALA A 241 -19.63 31.98 -4.96
CA ALA A 241 -19.57 33.10 -4.03
C ALA A 241 -20.65 33.03 -2.96
N THR A 242 -21.77 32.37 -3.25
CA THR A 242 -22.81 32.20 -2.25
C THR A 242 -22.46 31.17 -1.18
N GLY A 243 -21.42 30.37 -1.41
CA GLY A 243 -21.01 29.34 -0.47
C GLY A 243 -21.89 28.11 -0.44
N ARG A 244 -22.84 27.97 -1.36
CA ARG A 244 -23.74 26.84 -1.40
C ARG A 244 -23.49 26.02 -2.66
N ILE A 245 -23.57 24.70 -2.52
CA ILE A 245 -23.29 23.78 -3.62
C ILE A 245 -24.21 22.58 -3.51
N LEU A 246 -24.72 22.13 -4.66
CA LEU A 246 -25.46 20.87 -4.77
C LEU A 246 -24.77 20.06 -5.86
N ALA A 247 -24.26 18.88 -5.51
CA ALA A 247 -23.39 18.12 -6.41
C ALA A 247 -23.79 16.65 -6.37
N THR A 248 -24.24 16.10 -7.51
CA THR A 248 -24.81 14.76 -7.53
C THR A 248 -24.35 14.00 -8.76
N ASN A 249 -24.77 12.74 -8.83
CA ASN A 249 -24.56 11.90 -10.00
C ASN A 249 -25.38 12.34 -11.21
N GLY A 250 -26.25 13.33 -11.07
CA GLY A 250 -27.04 13.77 -12.21
C GLY A 250 -28.41 13.13 -12.27
N SER A 251 -28.50 11.86 -11.88
CA SER A 251 -29.79 11.15 -11.93
C SER A 251 -30.69 11.49 -10.76
N ILE A 252 -30.16 11.74 -9.56
CA ILE A 252 -30.99 12.16 -8.43
C ILE A 252 -30.98 13.67 -8.25
N HIS A 253 -30.39 14.42 -9.19
CA HIS A 253 -30.20 15.84 -8.98
C HIS A 253 -31.52 16.56 -8.76
N ASP A 254 -32.50 16.31 -9.63
CA ASP A 254 -33.79 16.98 -9.49
C ASP A 254 -34.51 16.56 -8.22
N ASN A 255 -34.37 15.28 -7.83
CA ASN A 255 -35.04 14.81 -6.63
C ASN A 255 -34.43 15.43 -5.38
N LEU A 256 -33.10 15.50 -5.33
CA LEU A 256 -32.44 16.10 -4.18
C LEU A 256 -32.70 17.60 -4.12
N SER A 257 -32.71 18.27 -5.28
CA SER A 257 -33.01 19.69 -5.31
C SER A 257 -34.42 19.95 -4.76
N ARG A 258 -35.40 19.14 -5.17
CA ARG A 258 -36.76 19.29 -4.65
C ARG A 258 -36.79 19.13 -3.13
N ALA A 259 -36.10 18.12 -2.60
CA ALA A 259 -36.06 17.93 -1.16
C ALA A 259 -35.46 19.14 -0.46
N LEU A 260 -34.41 19.72 -1.04
CA LEU A 260 -33.80 20.92 -0.47
C LEU A 260 -34.74 22.12 -0.54
N MET A 261 -35.62 22.18 -1.53
CA MET A 261 -36.60 23.26 -1.64
C MET A 261 -37.79 23.07 -0.72
N GLN A 262 -37.89 21.92 -0.06
CA GLN A 262 -39.05 21.58 0.75
C GLN A 262 -38.63 21.10 2.12
N VAL A 263 -37.62 21.75 2.70
CA VAL A 263 -37.06 21.33 3.98
C VAL A 263 -37.96 21.82 5.10
N PRO A 264 -38.51 20.93 5.93
CA PRO A 264 -39.27 21.38 7.09
C PRO A 264 -38.32 21.96 8.12
N PRO A 265 -38.71 23.03 8.82
CA PRO A 265 -37.83 23.58 9.85
C PRO A 265 -37.73 22.59 11.01
N LEU A 266 -36.68 22.76 11.81
CA LEU A 266 -36.50 21.87 12.96
C LEU A 266 -37.69 21.96 13.91
N SER A 267 -38.25 23.16 14.07
CA SER A 267 -39.40 23.37 14.96
C SER A 267 -40.61 22.54 14.56
N ALA A 268 -40.68 22.07 13.31
CA ALA A 268 -41.79 21.23 12.89
C ALA A 268 -41.61 19.79 13.33
N TRP A 269 -40.44 19.44 13.85
CA TRP A 269 -40.19 18.11 14.40
C TRP A 269 -40.64 18.05 15.86
N THR B 2 -2.00 -16.91 27.09
CA THR B 2 -3.10 -17.47 27.88
C THR B 2 -4.24 -17.92 26.98
N ASN B 3 -5.39 -18.22 27.60
CA ASN B 3 -6.59 -18.56 26.83
C ASN B 3 -6.99 -17.41 25.92
N LEU B 4 -6.93 -16.19 26.44
CA LEU B 4 -7.38 -15.05 25.65
C LEU B 4 -6.49 -14.83 24.44
N GLN B 5 -5.18 -15.08 24.56
CA GLN B 5 -4.31 -14.95 23.41
C GLN B 5 -4.66 -15.99 22.34
N THR B 6 -4.98 -17.21 22.76
CA THR B 6 -5.37 -18.24 21.82
C THR B 6 -6.65 -17.86 21.11
N PHE B 7 -7.63 -17.33 21.85
CA PHE B 7 -8.86 -16.85 21.24
C PHE B 7 -8.58 -15.71 20.26
N LEU B 8 -7.69 -14.79 20.66
CA LEU B 8 -7.37 -13.65 19.81
C LEU B 8 -6.67 -14.09 18.53
N ASP B 9 -5.78 -15.09 18.63
CA ASP B 9 -5.10 -15.61 17.44
C ASP B 9 -6.10 -16.10 16.40
N ILE B 10 -7.09 -16.89 16.83
CA ILE B 10 -8.03 -17.46 15.87
C ILE B 10 -9.02 -16.41 15.38
N ALA B 11 -9.46 -15.51 16.24
CA ALA B 11 -10.33 -14.43 15.77
C ALA B 11 -9.61 -13.57 14.73
N THR B 12 -8.30 -13.38 14.89
CA THR B 12 -7.56 -12.59 13.91
C THR B 12 -7.53 -13.29 12.56
N GLU B 13 -7.23 -14.58 12.53
CA GLU B 13 -7.20 -15.29 11.26
C GLU B 13 -8.58 -15.35 10.63
N ALA B 14 -9.63 -15.48 11.44
CA ALA B 14 -10.99 -15.46 10.90
C ALA B 14 -11.31 -14.11 10.26
N ALA B 15 -10.89 -13.02 10.89
CA ALA B 15 -11.19 -11.70 10.32
C ALA B 15 -10.42 -11.48 9.02
N LEU B 16 -9.16 -11.88 8.97
CA LEU B 16 -8.39 -11.70 7.74
C LEU B 16 -8.93 -12.57 6.63
N ALA B 17 -9.32 -13.81 6.94
CA ALA B 17 -9.87 -14.69 5.92
C ALA B 17 -11.19 -14.14 5.38
N ALA B 18 -12.07 -13.69 6.28
CA ALA B 18 -13.34 -13.13 5.83
C ALA B 18 -13.14 -11.82 5.09
N GLY B 19 -12.20 -10.98 5.56
CA GLY B 19 -11.93 -9.74 4.88
C GLY B 19 -11.49 -9.93 3.44
N ALA B 20 -10.68 -10.95 3.17
CA ALA B 20 -10.25 -11.23 1.81
C ALA B 20 -11.43 -11.63 0.93
N VAL B 21 -12.38 -12.37 1.49
CA VAL B 21 -13.61 -12.69 0.77
C VAL B 21 -14.37 -11.42 0.41
N LEU B 22 -14.47 -10.48 1.36
CA LEU B 22 -15.17 -9.23 1.09
C LEU B 22 -14.47 -8.44 -0.01
N GLN B 23 -13.13 -8.43 -0.01
CA GLN B 23 -12.41 -7.73 -1.06
C GLN B 23 -12.65 -8.38 -2.42
N GLY B 24 -12.71 -9.71 -2.46
CA GLY B 24 -12.97 -10.38 -3.72
C GLY B 24 -14.28 -9.97 -4.35
N TYR B 25 -15.34 -9.88 -3.54
CA TYR B 25 -16.63 -9.46 -4.08
C TYR B 25 -16.63 -7.98 -4.44
N LEU B 26 -15.84 -7.17 -3.73
CA LEU B 26 -15.83 -5.73 -3.92
C LEU B 26 -15.14 -5.33 -5.22
N VAL B 43 -23.78 -8.15 -2.62
CA VAL B 43 -23.82 -7.61 -1.27
C VAL B 43 -24.35 -8.68 -0.33
N THR B 44 -25.52 -9.24 -0.68
CA THR B 44 -26.05 -10.36 0.08
C THR B 44 -25.17 -11.58 -0.05
N ALA B 45 -24.65 -11.83 -1.26
CA ALA B 45 -23.73 -12.94 -1.43
C ALA B 45 -22.42 -12.71 -0.65
N ALA B 46 -21.90 -11.48 -0.71
CA ALA B 46 -20.67 -11.17 0.01
C ALA B 46 -20.84 -11.37 1.52
N ASP B 47 -21.95 -10.86 2.07
CA ASP B 47 -22.20 -11.00 3.50
C ASP B 47 -22.28 -12.47 3.90
N LYS B 48 -22.95 -13.29 3.08
CA LYS B 48 -23.11 -14.71 3.42
C LYS B 48 -21.79 -15.45 3.27
N ALA B 49 -20.99 -15.11 2.26
CA ALA B 49 -19.71 -15.79 2.06
C ALA B 49 -18.75 -15.48 3.20
N SER B 50 -18.76 -14.22 3.67
CA SER B 50 -17.93 -13.84 4.80
C SER B 50 -18.34 -14.58 6.06
N GLU B 51 -19.65 -14.66 6.32
CA GLU B 51 -20.13 -15.35 7.51
C GLU B 51 -19.73 -16.82 7.51
N ALA B 52 -19.90 -17.50 6.37
CA ALA B 52 -19.53 -18.91 6.28
C ALA B 52 -18.05 -19.11 6.59
N VAL B 53 -17.19 -18.20 6.10
CA VAL B 53 -15.76 -18.29 6.37
C VAL B 53 -15.49 -18.15 7.86
N VAL B 54 -16.10 -17.16 8.49
CA VAL B 54 -15.88 -16.93 9.93
C VAL B 54 -16.37 -18.11 10.74
N LEU B 55 -17.61 -18.57 10.45
CA LEU B 55 -18.20 -19.64 11.24
C LEU B 55 -17.38 -20.92 11.14
N GLU B 56 -16.92 -21.26 9.94
CA GLU B 56 -16.13 -22.48 9.76
C GLU B 56 -14.88 -22.46 10.63
N ILE B 57 -14.20 -21.31 10.67
CA ILE B 57 -12.95 -21.19 11.42
C ILE B 57 -13.21 -21.31 12.92
N ILE B 58 -14.20 -20.57 13.43
CA ILE B 58 -14.44 -20.57 14.87
C ILE B 58 -14.90 -21.95 15.35
N ARG B 59 -15.78 -22.59 14.58
CA ARG B 59 -16.28 -23.91 15.00
C ARG B 59 -15.19 -24.97 14.93
N ARG B 60 -14.26 -24.87 13.98
CA ARG B 60 -13.21 -25.87 13.88
C ARG B 60 -12.22 -25.75 15.05
N HIS B 61 -11.88 -24.53 15.44
CA HIS B 61 -10.95 -24.35 16.55
C HIS B 61 -11.62 -24.49 17.91
N PHE B 62 -12.88 -24.07 18.04
CA PHE B 62 -13.60 -24.08 19.31
C PHE B 62 -14.97 -24.74 19.14
N PRO B 63 -14.99 -26.07 19.01
CA PRO B 63 -16.27 -26.75 18.75
C PRO B 63 -17.30 -26.58 19.84
N GLN B 64 -16.88 -26.28 21.08
CA GLN B 64 -17.79 -26.11 22.21
C GLN B 64 -18.30 -24.69 22.40
N HIS B 65 -17.80 -23.72 21.63
CA HIS B 65 -18.28 -22.37 21.83
C HIS B 65 -19.61 -22.15 21.10
N SER B 66 -20.35 -21.15 21.55
CA SER B 66 -21.62 -20.75 20.95
C SER B 66 -21.46 -19.48 20.11
N ILE B 67 -22.40 -19.24 19.21
CA ILE B 67 -22.31 -18.15 18.25
C ILE B 67 -23.49 -17.16 18.33
N LEU B 68 -23.20 -15.87 18.25
CA LEU B 68 -24.19 -14.86 17.90
C LEU B 68 -23.89 -14.34 16.48
N ALA B 69 -24.91 -14.25 15.66
CA ALA B 69 -24.81 -13.54 14.41
C ALA B 69 -26.17 -12.91 14.06
N ASN B 80 -24.28 -19.74 28.13
CA ASN B 80 -23.06 -20.41 27.66
C ASN B 80 -21.85 -19.54 27.93
N GLU B 81 -20.78 -20.15 28.44
CA GLU B 81 -19.64 -19.36 28.90
C GLU B 81 -18.97 -18.60 27.77
N TYR B 82 -18.84 -19.22 26.59
CA TYR B 82 -18.18 -18.62 25.44
C TYR B 82 -19.20 -18.33 24.36
N LEU B 83 -19.34 -17.06 23.99
CA LEU B 83 -20.34 -16.65 23.01
C LEU B 83 -19.70 -15.66 22.04
N TRP B 84 -19.62 -16.05 20.78
CA TRP B 84 -19.00 -15.22 19.75
C TRP B 84 -20.05 -14.35 19.09
N ALA B 85 -19.79 -13.04 19.05
CA ALA B 85 -20.67 -12.07 18.41
C ALA B 85 -20.01 -11.64 17.12
N ILE B 86 -20.56 -12.09 16.00
CA ILE B 86 -19.92 -11.97 14.69
C ILE B 86 -20.75 -11.03 13.83
N ASP B 87 -20.12 -9.99 13.29
CA ASP B 87 -20.72 -9.29 12.17
C ASP B 87 -19.86 -9.54 10.95
N PRO B 88 -20.31 -10.37 10.00
CA PRO B 88 -19.48 -10.66 8.83
C PRO B 88 -19.32 -9.48 7.89
N LEU B 89 -20.16 -8.45 8.04
CA LEU B 89 -20.09 -7.27 7.18
C LEU B 89 -20.83 -6.14 7.89
N ASP B 90 -20.10 -5.40 8.73
CA ASP B 90 -20.66 -4.21 9.34
C ASP B 90 -20.51 -3.04 8.37
N GLY B 91 -21.59 -2.29 8.16
CA GLY B 91 -21.57 -1.23 7.18
C GLY B 91 -22.11 -1.67 5.83
N THR B 92 -23.24 -2.38 5.82
CA THR B 92 -23.74 -2.98 4.59
C THR B 92 -24.15 -1.92 3.57
N THR B 93 -24.80 -0.85 4.03
CA THR B 93 -25.15 0.24 3.13
C THR B 93 -23.91 0.83 2.48
N ASN B 94 -22.87 1.08 3.27
CA ASN B 94 -21.59 1.53 2.73
C ASN B 94 -21.06 0.55 1.70
N TYR B 95 -21.07 -0.73 2.03
CA TYR B 95 -20.53 -1.74 1.12
C TYR B 95 -21.29 -1.74 -0.20
N ALA B 96 -22.61 -1.68 -0.14
CA ALA B 96 -23.42 -1.65 -1.35
C ALA B 96 -23.07 -0.46 -2.24
N HIS B 97 -22.68 0.65 -1.64
CA HIS B 97 -22.30 1.85 -2.39
C HIS B 97 -20.80 1.94 -2.63
N GLN B 98 -20.03 0.95 -2.17
CA GLN B 98 -18.58 0.99 -2.20
C GLN B 98 -18.05 2.18 -1.41
N TYR B 99 -18.81 2.64 -0.43
CA TYR B 99 -18.34 3.68 0.47
C TYR B 99 -17.32 3.05 1.42
N PRO B 100 -16.03 3.57 1.47
CA PRO B 100 -14.95 2.83 2.16
C PRO B 100 -15.00 2.98 3.68
N ALA B 101 -16.04 2.38 4.29
CA ALA B 101 -16.15 2.29 5.75
C ALA B 101 -17.00 1.06 6.05
N PHE B 102 -16.38 -0.11 5.95
CA PHE B 102 -17.01 -1.37 6.31
C PHE B 102 -15.94 -2.31 6.82
N CYS B 103 -16.36 -3.34 7.54
CA CYS B 103 -15.39 -4.19 8.21
C CYS B 103 -16.05 -5.50 8.61
N VAL B 104 -15.20 -6.43 9.03
CA VAL B 104 -15.61 -7.64 9.76
C VAL B 104 -15.33 -7.40 11.23
N SER B 105 -16.31 -7.71 12.08
CA SER B 105 -16.17 -7.55 13.53
C SER B 105 -16.39 -8.89 14.19
N ILE B 106 -15.42 -9.33 14.99
CA ILE B 106 -15.46 -10.63 15.66
C ILE B 106 -15.14 -10.41 17.13
N GLY B 107 -16.14 -10.58 17.98
CA GLY B 107 -15.97 -10.39 19.40
C GLY B 107 -16.36 -11.63 20.18
N LEU B 108 -15.71 -11.82 21.33
CA LEU B 108 -16.00 -12.96 22.19
C LEU B 108 -16.54 -12.44 23.51
N LEU B 109 -17.72 -12.93 23.89
CA LEU B 109 -18.27 -12.69 25.22
C LEU B 109 -17.95 -13.90 26.09
N ILE B 110 -17.31 -13.64 27.23
CA ILE B 110 -17.05 -14.66 28.24
C ILE B 110 -17.94 -14.33 29.43
N ASN B 111 -18.90 -15.20 29.70
CA ASN B 111 -19.92 -14.95 30.72
C ASN B 111 -20.60 -13.61 30.48
N GLY B 112 -20.88 -13.32 29.21
CA GLY B 112 -21.57 -12.11 28.81
C GLY B 112 -20.75 -10.84 28.82
N VAL B 113 -19.43 -10.91 28.96
CA VAL B 113 -18.58 -9.75 29.06
C VAL B 113 -17.65 -9.73 27.84
N PRO B 114 -17.58 -8.62 27.09
CA PRO B 114 -16.64 -8.57 25.96
C PRO B 114 -15.20 -8.71 26.44
N GLN B 115 -14.49 -9.69 25.89
CA GLN B 115 -13.13 -10.00 26.32
C GLN B 115 -12.13 -10.15 25.19
N VAL B 116 -12.57 -10.44 23.97
CA VAL B 116 -11.70 -10.54 22.80
C VAL B 116 -12.39 -9.80 21.67
N GLY B 117 -11.63 -9.01 20.92
CA GLY B 117 -12.19 -8.27 19.82
C GLY B 117 -11.23 -8.10 18.65
N VAL B 118 -11.71 -8.38 17.43
CA VAL B 118 -10.97 -8.11 16.22
C VAL B 118 -11.90 -7.39 15.25
N ILE B 119 -11.43 -6.26 14.72
CA ILE B 119 -12.16 -5.50 13.72
C ILE B 119 -11.20 -5.28 12.55
N TYR B 120 -11.61 -5.72 11.36
CA TYR B 120 -10.74 -5.66 10.19
C TYR B 120 -11.44 -4.91 9.07
N ASP B 121 -10.86 -3.76 8.70
CA ASP B 121 -11.25 -2.97 7.54
C ASP B 121 -10.45 -3.48 6.35
N PRO B 122 -11.04 -4.30 5.47
CA PRO B 122 -10.26 -4.89 4.37
C PRO B 122 -9.99 -3.93 3.23
N PHE B 123 -10.74 -2.83 3.13
CA PHE B 123 -10.48 -1.86 2.07
C PHE B 123 -9.23 -1.05 2.35
N HIS B 124 -9.06 -0.61 3.59
CA HIS B 124 -7.87 0.13 4.00
C HIS B 124 -6.81 -0.75 4.65
N ASP B 125 -7.09 -2.04 4.79
CA ASP B 125 -6.20 -3.01 5.42
C ASP B 125 -5.77 -2.50 6.81
N GLU B 126 -6.76 -2.23 7.65
CA GLU B 126 -6.51 -1.84 9.03
C GLU B 126 -7.10 -2.90 9.94
N LEU B 127 -6.22 -3.53 10.73
CA LEU B 127 -6.56 -4.67 11.60
C LEU B 127 -6.48 -4.21 13.05
N PHE B 128 -7.63 -4.11 13.71
CA PHE B 128 -7.71 -3.73 15.12
C PHE B 128 -7.87 -4.97 15.97
N ARG B 129 -7.06 -5.09 17.01
CA ARG B 129 -7.04 -6.29 17.85
C ARG B 129 -6.91 -5.91 19.31
N GLY B 130 -7.69 -6.58 20.15
CA GLY B 130 -7.64 -6.34 21.58
C GLY B 130 -8.15 -7.54 22.34
N ALA B 131 -7.61 -7.72 23.54
CA ALA B 131 -8.10 -8.74 24.46
C ALA B 131 -7.77 -8.28 25.87
N ALA B 132 -8.63 -8.66 26.81
CA ALA B 132 -8.49 -8.24 28.20
C ALA B 132 -7.09 -8.52 28.72
N GLY B 133 -6.41 -7.48 29.20
CA GLY B 133 -5.08 -7.61 29.74
C GLY B 133 -3.98 -7.77 28.72
N LEU B 134 -4.30 -7.83 27.43
CA LEU B 134 -3.31 -8.07 26.39
C LEU B 134 -3.04 -6.83 25.54
N GLY B 135 -3.79 -5.75 25.73
CA GLY B 135 -3.55 -4.52 25.02
C GLY B 135 -4.32 -4.42 23.71
N ALA B 136 -4.23 -3.25 23.10
CA ALA B 136 -4.95 -2.92 21.89
C ALA B 136 -3.96 -2.47 20.83
N THR B 137 -4.15 -2.95 19.60
CA THR B 137 -3.24 -2.66 18.50
C THR B 137 -4.02 -2.38 17.23
N ARG B 138 -3.38 -1.63 16.33
CA ARG B 138 -3.80 -1.55 14.94
C ARG B 138 -2.61 -1.96 14.09
N ASN B 139 -2.83 -2.92 13.18
CA ASN B 139 -1.76 -3.54 12.39
C ASN B 139 -0.58 -3.95 13.28
N ARG B 140 -0.92 -4.55 14.42
CA ARG B 140 0.03 -5.18 15.34
C ARG B 140 1.00 -4.19 15.96
N ARG B 141 0.58 -2.95 16.04
CA ARG B 141 1.23 -1.85 16.71
C ARG B 141 0.33 -1.26 17.78
N PRO B 142 0.87 -0.82 18.91
CA PRO B 142 0.00 -0.33 19.98
C PRO B 142 -0.80 0.92 19.60
N ILE B 143 -2.04 0.96 20.06
CA ILE B 143 -2.87 2.15 19.92
C ILE B 143 -3.37 2.57 21.30
N LYS B 144 -3.74 3.84 21.39
CA LYS B 144 -4.26 4.42 22.63
C LYS B 144 -5.27 5.51 22.33
N VAL B 145 -6.20 5.71 23.28
CA VAL B 145 -7.20 6.77 23.12
C VAL B 145 -6.53 8.15 23.17
N SER B 146 -7.27 9.14 22.71
CA SER B 146 -6.79 10.51 22.73
C SER B 146 -6.78 11.08 24.14
N ASP B 147 -6.17 12.24 24.27
CA ASP B 147 -6.05 12.95 25.53
C ASP B 147 -7.05 14.08 25.67
N THR B 148 -7.89 14.29 24.66
CA THR B 148 -8.84 15.40 24.65
C THR B 148 -9.70 15.40 25.91
N SER B 149 -9.77 16.55 26.58
CA SER B 149 -10.50 16.66 27.83
C SER B 149 -11.71 17.58 27.79
N GLU B 150 -11.83 18.47 26.80
CA GLU B 150 -12.95 19.40 26.70
C GLU B 150 -13.88 19.02 25.53
N LEU B 151 -15.20 19.09 25.75
CA LEU B 151 -16.13 18.80 24.66
C LEU B 151 -15.91 19.74 23.49
N SER B 152 -15.76 21.03 23.75
CA SER B 152 -15.17 21.88 22.73
C SER B 152 -13.75 21.38 22.57
N LYS B 153 -13.30 21.26 21.35
CA LYS B 153 -12.00 20.73 20.92
C LYS B 153 -12.15 19.23 20.67
N SER B 154 -13.34 18.67 20.83
CA SER B 154 -13.53 17.23 20.62
C SER B 154 -14.11 16.99 19.24
N LEU B 155 -13.83 15.80 18.72
CA LEU B 155 -14.42 15.29 17.48
C LEU B 155 -15.14 14.00 17.84
N LEU B 156 -16.42 13.93 17.51
CA LEU B 156 -17.26 12.80 17.88
C LEU B 156 -17.78 12.12 16.62
N VAL B 157 -18.44 10.99 16.82
CA VAL B 157 -19.10 10.28 15.73
C VAL B 157 -20.36 9.63 16.28
N THR B 158 -21.37 9.48 15.42
CA THR B 158 -22.60 8.83 15.82
C THR B 158 -23.23 8.18 14.59
N GLY B 159 -24.36 7.52 14.80
CA GLY B 159 -25.09 6.86 13.74
C GLY B 159 -26.60 6.97 13.98
N PHE B 160 -27.35 6.44 13.02
CA PHE B 160 -28.80 6.56 13.03
C PHE B 160 -29.42 5.22 12.64
N ALA B 161 -30.42 4.80 13.40
CA ALA B 161 -30.93 3.43 13.32
C ALA B 161 -31.91 3.27 12.14
N TYR B 162 -32.14 2.01 11.77
CA TYR B 162 -33.07 1.71 10.69
C TYR B 162 -34.49 2.12 11.05
N ASP B 163 -34.83 2.16 12.33
CA ASP B 163 -36.18 2.48 12.78
C ASP B 163 -36.41 3.98 12.97
N ARG B 164 -35.48 4.82 12.48
CA ARG B 164 -35.49 6.23 12.82
C ARG B 164 -36.75 6.96 12.39
N ARG B 165 -37.46 6.45 11.37
CA ARG B 165 -38.68 7.08 10.92
C ARG B 165 -39.89 6.71 11.77
N GLU B 166 -39.78 5.69 12.61
CA GLU B 166 -40.93 5.20 13.37
C GLU B 166 -40.95 5.71 14.81
N THR B 167 -39.86 6.28 15.29
CA THR B 167 -39.82 6.80 16.66
C THR B 167 -39.33 8.24 16.64
N PRO B 168 -39.86 9.08 17.53
CA PRO B 168 -39.33 10.45 17.65
C PRO B 168 -37.94 10.49 18.27
N ASP B 169 -37.57 9.47 19.06
CA ASP B 169 -36.21 9.36 19.61
C ASP B 169 -35.31 8.75 18.54
N ASN B 170 -35.02 9.56 17.53
CA ASN B 170 -34.30 9.13 16.34
C ASN B 170 -32.83 9.51 16.36
N ASN B 171 -32.36 10.16 17.41
CA ASN B 171 -30.97 10.61 17.62
C ASN B 171 -30.65 11.90 16.87
N TYR B 172 -31.61 12.51 16.16
CA TYR B 172 -31.32 13.76 15.46
C TYR B 172 -31.05 14.90 16.44
N ALA B 173 -31.85 15.00 17.50
CA ALA B 173 -31.66 16.06 18.48
C ALA B 173 -30.28 15.97 19.11
N GLU B 174 -29.84 14.76 19.45
CA GLU B 174 -28.49 14.57 19.98
C GLU B 174 -27.44 15.01 18.97
N PHE B 175 -27.63 14.65 17.69
CA PHE B 175 -26.66 15.03 16.67
C PHE B 175 -26.54 16.55 16.57
N CYS B 176 -27.68 17.26 16.57
CA CYS B 176 -27.62 18.72 16.48
C CYS B 176 -26.99 19.32 17.73
N HIS B 177 -27.38 18.84 18.90
CA HIS B 177 -26.83 19.36 20.16
C HIS B 177 -25.32 19.20 20.21
N LEU B 178 -24.81 18.02 19.91
CA LEU B 178 -23.37 17.77 19.98
C LEU B 178 -22.58 18.44 18.90
N THR B 179 -23.21 18.68 17.76
CA THR B 179 -22.58 19.37 16.67
C THR B 179 -22.37 20.84 17.05
N HIS B 180 -23.26 21.39 17.87
CA HIS B 180 -23.13 22.72 18.38
C HIS B 180 -22.06 22.85 19.46
N LEU B 181 -21.90 21.83 20.28
CA LEU B 181 -20.97 21.89 21.38
C LEU B 181 -19.58 21.40 21.10
N THR B 182 -19.34 20.84 19.93
CA THR B 182 -18.05 20.29 19.60
C THR B 182 -17.46 20.79 18.30
N GLN B 183 -16.30 20.27 17.94
CA GLN B 183 -15.67 20.58 16.69
C GLN B 183 -16.37 19.89 15.50
N GLY B 184 -17.22 18.94 15.79
CA GLY B 184 -17.96 18.27 14.73
C GLY B 184 -18.35 16.86 15.16
N VAL B 185 -19.39 16.35 14.51
CA VAL B 185 -19.85 14.99 14.71
C VAL B 185 -19.81 14.30 13.35
N ARG B 186 -18.94 13.30 13.21
CA ARG B 186 -18.83 12.56 11.97
C ARG B 186 -19.93 11.51 11.89
N ARG B 187 -20.15 11.01 10.67
CA ARG B 187 -21.06 9.87 10.44
C ARG B 187 -20.39 9.03 9.36
N SER B 188 -19.80 7.89 9.77
CA SER B 188 -19.06 7.03 8.87
C SER B 188 -19.92 5.93 8.26
N GLY B 189 -20.91 5.46 9.00
CA GLY B 189 -21.74 4.36 8.56
C GLY B 189 -21.34 2.99 9.06
N SER B 190 -20.35 2.87 9.95
CA SER B 190 -19.97 1.58 10.53
C SER B 190 -19.72 1.76 12.02
N ALA B 191 -20.59 1.16 12.84
CA ALA B 191 -20.44 1.26 14.29
C ALA B 191 -19.15 0.58 14.78
N ALA B 192 -18.79 -0.56 14.17
CA ALA B 192 -17.56 -1.23 14.59
C ALA B 192 -16.34 -0.36 14.32
N LEU B 193 -16.28 0.26 13.15
CA LEU B 193 -15.16 1.15 12.85
C LEU B 193 -15.20 2.40 13.71
N ASP B 194 -16.39 2.89 14.06
CA ASP B 194 -16.43 4.06 14.93
C ASP B 194 -15.78 3.75 16.29
N LEU B 195 -16.07 2.57 16.86
CA LEU B 195 -15.42 2.19 18.11
C LEU B 195 -13.92 2.05 17.92
N ALA B 196 -13.50 1.45 16.82
CA ALA B 196 -12.06 1.34 16.52
C ALA B 196 -11.42 2.71 16.40
N HIS B 197 -12.16 3.70 15.87
CA HIS B 197 -11.59 5.04 15.74
C HIS B 197 -11.45 5.74 17.08
N VAL B 198 -12.38 5.50 18.02
CA VAL B 198 -12.17 5.98 19.39
C VAL B 198 -10.95 5.30 19.98
N ALA B 199 -10.81 4.00 19.75
CA ALA B 199 -9.74 3.21 20.37
C ALA B 199 -8.36 3.72 19.96
N CYS B 200 -8.20 4.18 18.73
CA CYS B 200 -6.90 4.68 18.31
C CYS B 200 -6.81 6.20 18.33
N GLY B 201 -7.84 6.88 18.86
CA GLY B 201 -7.76 8.31 19.09
C GLY B 201 -8.14 9.18 17.91
N ARG B 202 -8.66 8.61 16.83
CA ARG B 202 -9.05 9.42 15.68
C ARG B 202 -10.31 10.23 15.97
N VAL B 203 -11.14 9.77 16.90
CA VAL B 203 -12.20 10.58 17.48
C VAL B 203 -12.09 10.46 18.98
N ASP B 204 -12.77 11.36 19.69
CA ASP B 204 -12.70 11.36 21.14
C ASP B 204 -13.86 10.64 21.79
N GLY B 205 -14.93 10.36 21.04
CA GLY B 205 -16.09 9.74 21.63
C GLY B 205 -17.10 9.36 20.56
N TYR B 206 -17.96 8.43 20.93
CA TYR B 206 -18.95 7.84 20.04
C TYR B 206 -20.18 7.48 20.88
N TRP B 207 -21.37 7.75 20.34
CA TRP B 207 -22.60 7.31 20.97
C TRP B 207 -23.57 6.90 19.88
N GLU B 208 -24.45 5.96 20.19
CA GLU B 208 -25.46 5.53 19.21
C GLU B 208 -26.55 4.75 19.91
N ARG B 209 -27.77 4.83 19.36
CA ARG B 209 -28.87 4.00 19.78
C ARG B 209 -29.26 3.04 18.65
N GLY B 210 -29.96 1.98 19.01
CA GLY B 210 -30.40 1.03 18.02
C GLY B 210 -29.31 0.15 17.46
N ILE B 211 -28.22 -0.07 18.20
CA ILE B 211 -27.15 -0.94 17.73
C ILE B 211 -27.38 -2.36 18.26
N SER B 212 -26.68 -3.32 17.66
CA SER B 212 -26.81 -4.72 18.01
C SER B 212 -25.54 -5.24 18.66
N PRO B 213 -25.61 -6.35 19.41
CA PRO B 213 -24.39 -6.85 20.07
C PRO B 213 -23.25 -7.12 19.12
N TRP B 214 -23.52 -7.73 17.95
CA TRP B 214 -22.44 -8.03 17.02
C TRP B 214 -21.80 -6.79 16.44
N ASP B 215 -22.48 -5.63 16.53
CA ASP B 215 -21.89 -4.37 16.07
C ASP B 215 -20.81 -3.86 17.02
N VAL B 216 -20.89 -4.19 18.30
CA VAL B 216 -20.14 -3.45 19.32
C VAL B 216 -19.25 -4.32 20.19
N VAL B 217 -19.47 -5.64 20.27
CA VAL B 217 -18.76 -6.44 21.27
C VAL B 217 -17.25 -6.34 21.07
N ALA B 218 -16.78 -6.51 19.83
CA ALA B 218 -15.34 -6.43 19.57
C ALA B 218 -14.80 -5.04 19.89
N GLY B 219 -15.52 -3.99 19.47
CA GLY B 219 -15.05 -2.64 19.68
C GLY B 219 -15.02 -2.20 21.13
N VAL B 220 -15.92 -2.75 21.95
CA VAL B 220 -15.96 -2.37 23.36
C VAL B 220 -14.68 -2.80 24.06
N ILE B 221 -14.26 -4.06 23.87
CA ILE B 221 -13.05 -4.53 24.55
C ILE B 221 -11.82 -3.88 23.94
N LEU B 222 -11.82 -3.67 22.62
CA LEU B 222 -10.73 -2.93 21.99
C LEU B 222 -10.56 -1.56 22.63
N LEU B 223 -11.66 -0.83 22.80
CA LEU B 223 -11.59 0.52 23.33
C LEU B 223 -11.17 0.52 24.80
N GLU B 224 -11.69 -0.41 25.60
CA GLU B 224 -11.28 -0.48 27.00
C GLU B 224 -9.80 -0.78 27.12
N GLU B 225 -9.30 -1.72 26.32
CA GLU B 225 -7.87 -2.01 26.34
C GLU B 225 -7.04 -0.81 25.87
N ALA B 226 -7.58 0.00 24.97
CA ALA B 226 -6.87 1.19 24.51
C ALA B 226 -6.90 2.32 25.53
N GLY B 227 -7.59 2.13 26.65
CA GLY B 227 -7.65 3.14 27.69
C GLY B 227 -8.95 3.93 27.75
N GLY B 228 -9.97 3.53 26.99
CA GLY B 228 -11.21 4.26 26.93
C GLY B 228 -12.24 3.76 27.92
N LYS B 229 -13.47 4.26 27.76
CA LYS B 229 -14.55 3.98 28.70
C LYS B 229 -15.86 3.80 27.93
N VAL B 230 -16.65 2.79 28.31
CA VAL B 230 -17.89 2.46 27.60
C VAL B 230 -18.99 2.26 28.64
N THR B 231 -20.07 3.05 28.53
CA THR B 231 -21.19 2.99 29.47
C THR B 231 -22.50 3.23 28.71
N ALA B 232 -23.59 3.28 29.48
CA ALA B 232 -24.84 3.83 28.99
C ALA B 232 -24.71 5.35 28.88
N TYR B 233 -25.72 5.98 28.26
CA TYR B 233 -25.68 7.43 28.07
C TYR B 233 -25.51 8.16 29.39
N ASP B 234 -26.14 7.69 30.45
CA ASP B 234 -26.09 8.37 31.75
C ASP B 234 -24.92 7.94 32.60
N SER B 235 -23.95 7.21 32.04
CA SER B 235 -22.73 6.73 32.67
C SER B 235 -22.94 5.56 33.63
N THR B 236 -24.16 5.04 33.76
CA THR B 236 -24.36 3.75 34.41
C THR B 236 -23.86 2.64 33.48
N PRO B 237 -23.63 1.42 34.00
CA PRO B 237 -22.94 0.39 33.21
C PRO B 237 -23.59 0.10 31.87
N LEU B 238 -22.75 -0.28 30.90
CA LEU B 238 -23.21 -0.62 29.56
C LEU B 238 -24.23 -1.75 29.60
N LYS B 239 -25.31 -1.58 28.86
CA LYS B 239 -26.37 -2.60 28.70
C LYS B 239 -26.58 -2.77 27.21
N ILE B 240 -25.86 -3.73 26.61
CA ILE B 240 -25.91 -3.89 25.17
C ILE B 240 -27.33 -4.20 24.69
N ALA B 241 -28.10 -4.90 25.52
CA ALA B 241 -29.47 -5.27 25.15
C ALA B 241 -30.35 -4.03 24.92
N THR B 242 -30.03 -2.90 25.56
CA THR B 242 -30.82 -1.70 25.32
C THR B 242 -30.55 -1.07 23.97
N GLY B 243 -29.49 -1.48 23.29
CA GLY B 243 -29.13 -0.93 22.01
C GLY B 243 -28.47 0.44 22.08
N ARG B 244 -28.10 0.92 23.26
CA ARG B 244 -27.49 2.23 23.42
C ARG B 244 -26.09 2.08 23.97
N ILE B 245 -25.17 2.91 23.47
CA ILE B 245 -23.77 2.84 23.86
C ILE B 245 -23.20 4.25 23.89
N LEU B 246 -22.38 4.52 24.89
CA LEU B 246 -21.58 5.74 24.99
C LEU B 246 -20.13 5.32 25.19
N ALA B 247 -19.27 5.69 24.25
CA ALA B 247 -17.92 5.16 24.21
C ALA B 247 -16.94 6.29 23.92
N THR B 248 -16.03 6.56 24.86
CA THR B 248 -15.17 7.73 24.74
C THR B 248 -13.75 7.38 25.16
N ASN B 249 -12.86 8.37 25.02
CA ASN B 249 -11.50 8.26 25.51
C ASN B 249 -11.42 8.26 27.03
N GLY B 250 -12.54 8.45 27.74
CA GLY B 250 -12.52 8.46 29.18
C GLY B 250 -12.42 9.85 29.77
N SER B 251 -11.67 10.74 29.12
CA SER B 251 -11.50 12.08 29.66
C SER B 251 -12.70 12.99 29.39
N ILE B 252 -13.39 12.82 28.26
CA ILE B 252 -14.59 13.61 27.98
C ILE B 252 -15.86 12.85 28.33
N HIS B 253 -15.73 11.68 28.95
CA HIS B 253 -16.89 10.80 29.14
C HIS B 253 -17.97 11.50 29.95
N ASP B 254 -17.59 12.14 31.06
CA ASP B 254 -18.59 12.80 31.90
C ASP B 254 -19.19 14.00 31.19
N ASN B 255 -18.39 14.73 30.40
CA ASN B 255 -18.91 15.90 29.71
C ASN B 255 -19.90 15.49 28.62
N LEU B 256 -19.56 14.45 27.86
CA LEU B 256 -20.46 13.96 26.82
C LEU B 256 -21.71 13.34 27.43
N SER B 257 -21.55 12.61 28.54
CA SER B 257 -22.71 12.06 29.20
C SER B 257 -23.65 13.17 29.67
N ARG B 258 -23.10 14.23 30.27
CA ARG B 258 -23.93 15.35 30.70
C ARG B 258 -24.69 15.94 29.52
N ALA B 259 -24.00 16.14 28.39
CA ALA B 259 -24.67 16.70 27.21
C ALA B 259 -25.81 15.80 26.74
N LEU B 260 -25.60 14.49 26.76
CA LEU B 260 -26.67 13.57 26.37
C LEU B 260 -27.84 13.63 27.35
N MET B 261 -27.58 13.93 28.62
CA MET B 261 -28.64 14.09 29.61
C MET B 261 -29.36 15.43 29.50
N GLN B 262 -28.89 16.33 28.64
CA GLN B 262 -29.44 17.68 28.56
C GLN B 262 -29.74 18.05 27.12
N VAL B 263 -30.25 17.10 26.35
CA VAL B 263 -30.50 17.30 24.92
C VAL B 263 -31.82 18.05 24.73
N PRO B 264 -31.80 19.22 24.09
CA PRO B 264 -33.06 19.89 23.75
C PRO B 264 -33.76 19.15 22.63
N PRO B 265 -35.10 19.08 22.66
CA PRO B 265 -35.81 18.42 21.56
C PRO B 265 -35.68 19.25 20.28
N LEU B 266 -35.93 18.59 19.15
CA LEU B 266 -35.84 19.29 17.87
C LEU B 266 -36.80 20.47 17.82
N SER B 267 -37.99 20.30 18.41
CA SER B 267 -39.00 21.36 18.43
C SER B 267 -38.51 22.64 19.11
N ALA B 268 -37.47 22.56 19.94
CA ALA B 268 -36.95 23.74 20.62
C ALA B 268 -36.03 24.58 19.73
N TRP B 269 -35.65 24.07 18.56
CA TRP B 269 -34.85 24.85 17.62
C TRP B 269 -35.77 25.73 16.76
N MET C 1 19.05 25.32 -9.34
CA MET C 1 18.57 25.88 -10.60
C MET C 1 17.08 25.58 -10.84
N THR C 2 16.29 26.66 -10.90
CA THR C 2 14.96 26.62 -11.52
C THR C 2 14.83 25.64 -12.68
N ASN C 3 15.77 25.64 -13.62
CA ASN C 3 15.61 24.82 -14.81
C ASN C 3 15.53 23.34 -14.46
N LEU C 4 16.44 22.86 -13.60
CA LEU C 4 16.49 21.43 -13.29
C LEU C 4 15.27 20.96 -12.51
N GLN C 5 14.76 21.79 -11.60
CA GLN C 5 13.56 21.40 -10.86
C GLN C 5 12.36 21.28 -11.79
N THR C 6 12.24 22.18 -12.77
CA THR C 6 11.17 22.07 -13.75
C THR C 6 11.31 20.79 -14.59
N PHE C 7 12.55 20.47 -15.01
CA PHE C 7 12.77 19.21 -15.71
C PHE C 7 12.40 18.02 -14.84
N LEU C 8 12.79 18.08 -13.56
CA LEU C 8 12.51 16.96 -12.64
C LEU C 8 11.01 16.80 -12.40
N ASP C 9 10.28 17.91 -12.30
CA ASP C 9 8.82 17.83 -12.13
C ASP C 9 8.17 17.06 -13.28
N ILE C 10 8.57 17.37 -14.52
CA ILE C 10 7.93 16.76 -15.68
C ILE C 10 8.34 15.31 -15.84
N ALA C 11 9.62 15.01 -15.60
CA ALA C 11 10.07 13.61 -15.65
C ALA C 11 9.37 12.77 -14.60
N THR C 12 9.08 13.35 -13.44
CA THR C 12 8.37 12.61 -12.40
C THR C 12 6.97 12.23 -12.87
N GLU C 13 6.24 13.20 -13.43
CA GLU C 13 4.88 12.92 -13.90
C GLU C 13 4.90 11.95 -15.08
N ALA C 14 5.89 12.06 -15.97
CA ALA C 14 5.99 11.11 -17.07
C ALA C 14 6.23 9.70 -16.55
N ALA C 15 7.08 9.55 -15.54
CA ALA C 15 7.36 8.22 -15.01
C ALA C 15 6.14 7.63 -14.31
N LEU C 16 5.43 8.44 -13.52
CA LEU C 16 4.24 7.94 -12.85
C LEU C 16 3.16 7.57 -13.86
N ALA C 17 2.98 8.38 -14.91
CA ALA C 17 1.96 8.06 -15.90
C ALA C 17 2.31 6.77 -16.64
N ALA C 18 3.56 6.62 -17.04
CA ALA C 18 3.99 5.40 -17.73
C ALA C 18 3.93 4.19 -16.80
N GLY C 19 4.28 4.38 -15.53
CA GLY C 19 4.20 3.28 -14.58
C GLY C 19 2.78 2.76 -14.43
N ALA C 20 1.79 3.66 -14.47
CA ALA C 20 0.40 3.23 -14.38
C ALA C 20 0.01 2.41 -15.60
N VAL C 21 0.52 2.78 -16.78
CA VAL C 21 0.28 2.00 -17.99
C VAL C 21 0.85 0.59 -17.85
N LEU C 22 2.08 0.49 -17.34
CA LEU C 22 2.67 -0.83 -17.15
C LEU C 22 1.87 -1.66 -16.16
N GLN C 23 1.36 -1.03 -15.10
CA GLN C 23 0.51 -1.74 -14.14
C GLN C 23 -0.77 -2.23 -14.80
N GLY C 24 -1.36 -1.41 -15.67
CA GLY C 24 -2.58 -1.81 -16.34
C GLY C 24 -2.41 -3.08 -17.16
N TYR C 25 -1.29 -3.19 -17.87
CA TYR C 25 -1.03 -4.36 -18.69
C TYR C 25 -0.79 -5.62 -17.86
N LEU C 26 -0.40 -5.48 -16.59
CA LEU C 26 -0.10 -6.68 -15.80
C LEU C 26 -1.35 -7.51 -15.57
N GLY C 27 -2.50 -6.86 -15.39
CA GLY C 27 -3.75 -7.58 -15.24
C GLY C 27 -4.13 -8.35 -16.50
N VAL C 43 3.55 -7.65 -23.53
CA VAL C 43 4.89 -7.21 -23.13
C VAL C 43 5.42 -6.20 -24.14
N THR C 44 5.39 -6.57 -25.43
CA THR C 44 5.74 -5.62 -26.47
C THR C 44 4.72 -4.48 -26.54
N ALA C 45 3.44 -4.79 -26.39
CA ALA C 45 2.42 -3.76 -26.34
C ALA C 45 2.60 -2.86 -25.12
N ALA C 46 2.87 -3.45 -23.95
CA ALA C 46 3.07 -2.66 -22.74
C ALA C 46 4.23 -1.70 -22.90
N ASP C 47 5.35 -2.19 -23.44
CA ASP C 47 6.51 -1.33 -23.66
C ASP C 47 6.18 -0.19 -24.62
N LYS C 48 5.45 -0.50 -25.69
CA LYS C 48 5.09 0.54 -26.67
C LYS C 48 4.15 1.56 -26.05
N ALA C 49 3.16 1.10 -25.28
CA ALA C 49 2.20 2.02 -24.67
C ALA C 49 2.89 2.91 -23.64
N SER C 50 3.84 2.36 -22.89
CA SER C 50 4.57 3.16 -21.92
C SER C 50 5.40 4.23 -22.61
N GLU C 51 6.11 3.86 -23.68
CA GLU C 51 6.95 4.83 -24.38
C GLU C 51 6.11 5.96 -24.97
N ALA C 52 4.96 5.62 -25.57
CA ALA C 52 4.10 6.65 -26.14
C ALA C 52 3.67 7.66 -25.08
N VAL C 53 3.35 7.17 -23.88
CA VAL C 53 2.95 8.05 -22.78
C VAL C 53 4.10 8.98 -22.40
N VAL C 54 5.30 8.43 -22.26
CA VAL C 54 6.45 9.27 -21.89
C VAL C 54 6.74 10.30 -22.96
N LEU C 55 6.78 9.87 -24.23
CA LEU C 55 7.13 10.78 -25.32
C LEU C 55 6.12 11.91 -25.43
N GLU C 56 4.82 11.61 -25.33
CA GLU C 56 3.81 12.66 -25.44
C GLU C 56 4.01 13.73 -24.38
N ILE C 57 4.32 13.32 -23.15
CA ILE C 57 4.49 14.27 -22.06
C ILE C 57 5.75 15.11 -22.26
N ILE C 58 6.88 14.48 -22.55
CA ILE C 58 8.13 15.22 -22.64
C ILE C 58 8.08 16.21 -23.79
N ARG C 59 7.52 15.77 -24.93
CA ARG C 59 7.50 16.62 -26.11
C ARG C 59 6.45 17.72 -26.00
N ARG C 60 5.39 17.51 -25.22
CA ARG C 60 4.41 18.58 -25.02
C ARG C 60 4.96 19.66 -24.10
N HIS C 61 5.70 19.28 -23.06
CA HIS C 61 6.29 20.27 -22.16
C HIS C 61 7.58 20.88 -22.73
N PHE C 62 8.37 20.09 -23.45
CA PHE C 62 9.66 20.53 -23.96
C PHE C 62 9.78 20.21 -25.45
N PRO C 63 9.04 20.95 -26.29
CA PRO C 63 9.06 20.63 -27.73
C PRO C 63 10.41 20.80 -28.37
N GLN C 64 11.31 21.59 -27.77
CA GLN C 64 12.61 21.88 -28.36
C GLN C 64 13.67 20.85 -27.97
N HIS C 65 13.36 19.93 -27.05
CA HIS C 65 14.31 18.93 -26.60
C HIS C 65 14.35 17.74 -27.55
N SER C 66 15.46 17.00 -27.49
CA SER C 66 15.64 15.80 -28.30
C SER C 66 15.45 14.55 -27.45
N ILE C 67 15.14 13.45 -28.13
CA ILE C 67 14.81 12.18 -27.50
C ILE C 67 15.79 11.10 -27.94
N LEU C 68 16.20 10.27 -26.97
CA LEU C 68 17.00 9.07 -27.23
C LEU C 68 16.29 7.92 -26.55
N ALA C 69 15.94 6.88 -27.31
CA ALA C 69 15.18 5.75 -26.76
C ALA C 69 15.34 4.55 -27.69
N GLU C 70 14.72 3.44 -27.29
CA GLU C 70 14.74 2.17 -28.02
C GLU C 70 16.14 1.57 -28.14
N ASP C 79 22.89 15.79 -31.05
CA ASP C 79 23.85 16.67 -30.38
C ASP C 79 23.15 17.86 -29.73
N ASN C 80 21.83 17.79 -29.63
CA ASN C 80 21.06 18.80 -28.93
C ASN C 80 21.60 19.00 -27.51
N GLU C 81 21.45 20.21 -27.00
CA GLU C 81 21.84 20.48 -25.62
C GLU C 81 21.06 19.60 -24.65
N TYR C 82 19.77 19.36 -24.92
CA TYR C 82 18.90 18.58 -24.07
C TYR C 82 18.57 17.26 -24.76
N LEU C 83 18.92 16.15 -24.14
CA LEU C 83 18.69 14.84 -24.72
C LEU C 83 18.13 13.93 -23.64
N TRP C 84 16.89 13.46 -23.83
CA TRP C 84 16.25 12.58 -22.88
C TRP C 84 16.55 11.13 -23.23
N ALA C 85 17.04 10.38 -22.26
CA ALA C 85 17.33 8.96 -22.41
C ALA C 85 16.26 8.19 -21.65
N ILE C 86 15.35 7.59 -22.41
CA ILE C 86 14.12 7.02 -21.86
C ILE C 86 14.17 5.51 -22.00
N ASP C 87 13.95 4.80 -20.90
CA ASP C 87 13.63 3.38 -20.99
C ASP C 87 12.19 3.18 -20.53
N PRO C 88 11.26 2.92 -21.44
CA PRO C 88 9.85 2.77 -21.04
C PRO C 88 9.58 1.51 -20.24
N LEU C 89 10.49 0.54 -20.27
CA LEU C 89 10.30 -0.70 -19.52
C LEU C 89 11.69 -1.34 -19.38
N ASP C 90 12.38 -0.98 -18.30
CA ASP C 90 13.63 -1.65 -17.98
C ASP C 90 13.31 -2.92 -17.20
N GLY C 91 13.92 -4.03 -17.61
CA GLY C 91 13.61 -5.30 -17.00
C GLY C 91 12.57 -6.06 -17.79
N THR C 92 12.72 -6.11 -19.11
CA THR C 92 11.68 -6.69 -19.95
C THR C 92 11.55 -8.19 -19.70
N THR C 93 12.67 -8.90 -19.51
CA THR C 93 12.59 -10.32 -19.17
C THR C 93 11.81 -10.54 -17.88
N ASN C 94 12.13 -9.75 -16.85
CA ASN C 94 11.39 -9.84 -15.58
C ASN C 94 9.91 -9.58 -15.80
N TYR C 95 9.59 -8.53 -16.56
CA TYR C 95 8.19 -8.17 -16.79
C TYR C 95 7.43 -9.30 -17.45
N ALA C 96 8.03 -9.91 -18.48
CA ALA C 96 7.39 -11.03 -19.18
C ALA C 96 7.12 -12.19 -18.25
N HIS C 97 7.95 -12.38 -17.23
CA HIS C 97 7.75 -13.45 -16.26
C HIS C 97 7.02 -12.97 -15.03
N GLN C 98 6.64 -11.69 -14.99
CA GLN C 98 6.10 -11.03 -13.80
C GLN C 98 7.03 -11.12 -12.60
N TYR C 99 8.32 -11.23 -12.86
CA TYR C 99 9.34 -11.16 -11.82
C TYR C 99 9.42 -9.72 -11.33
N PRO C 100 9.25 -9.44 -9.97
CA PRO C 100 9.04 -8.05 -9.50
C PRO C 100 10.34 -7.25 -9.45
N ALA C 101 10.87 -6.95 -10.63
CA ALA C 101 12.01 -6.05 -10.72
C ALA C 101 12.03 -5.41 -12.11
N PHE C 102 11.16 -4.43 -12.31
CA PHE C 102 11.11 -3.68 -13.56
C PHE C 102 10.69 -2.26 -13.25
N CYS C 103 10.95 -1.36 -14.18
CA CYS C 103 10.73 0.05 -13.90
C CYS C 103 10.69 0.85 -15.19
N VAL C 104 10.26 2.10 -15.06
CA VAL C 104 10.44 3.12 -16.08
C VAL C 104 11.62 3.97 -15.65
N SER C 105 12.51 4.27 -16.59
CA SER C 105 13.68 5.09 -16.31
C SER C 105 13.66 6.28 -17.26
N ILE C 106 13.73 7.49 -16.70
CA ILE C 106 13.69 8.72 -17.48
C ILE C 106 14.84 9.60 -17.02
N GLY C 107 15.84 9.76 -17.88
CA GLY C 107 17.00 10.57 -17.58
C GLY C 107 17.20 11.67 -18.61
N LEU C 108 17.77 12.78 -18.17
CA LEU C 108 18.05 13.91 -19.04
C LEU C 108 19.55 14.12 -19.12
N LEU C 109 20.10 14.12 -20.33
CA LEU C 109 21.47 14.50 -20.59
C LEU C 109 21.50 15.95 -21.02
N ILE C 110 22.27 16.76 -20.32
CA ILE C 110 22.49 18.15 -20.69
C ILE C 110 23.93 18.24 -21.19
N ASN C 111 24.08 18.49 -22.50
CA ASN C 111 25.39 18.46 -23.15
C ASN C 111 26.11 17.15 -22.87
N GLY C 112 25.37 16.05 -22.96
CA GLY C 112 25.91 14.72 -22.79
C GLY C 112 26.19 14.29 -21.36
N VAL C 113 25.74 15.04 -20.36
CA VAL C 113 26.02 14.74 -18.97
C VAL C 113 24.71 14.44 -18.26
N PRO C 114 24.57 13.31 -17.55
CA PRO C 114 23.34 13.05 -16.81
C PRO C 114 23.11 14.09 -15.71
N GLN C 115 21.93 14.72 -15.75
CA GLN C 115 21.61 15.80 -14.82
C GLN C 115 20.25 15.68 -14.16
N VAL C 116 19.31 14.93 -14.73
CA VAL C 116 18.00 14.69 -14.12
C VAL C 116 17.69 13.21 -14.29
N GLY C 117 17.16 12.60 -13.22
CA GLY C 117 16.82 11.18 -13.28
C GLY C 117 15.61 10.81 -12.46
N VAL C 118 14.69 10.05 -13.05
CA VAL C 118 13.55 9.48 -12.33
C VAL C 118 13.48 8.01 -12.68
N ILE C 119 13.36 7.16 -11.67
CA ILE C 119 13.19 5.73 -11.85
C ILE C 119 12.00 5.30 -11.02
N TYR C 120 11.01 4.69 -11.67
CA TYR C 120 9.78 4.33 -10.98
C TYR C 120 9.50 2.84 -11.15
N ASP C 121 9.52 2.12 -10.03
CA ASP C 121 9.12 0.73 -9.90
C ASP C 121 7.62 0.74 -9.61
N PRO C 122 6.77 0.46 -10.61
CA PRO C 122 5.32 0.56 -10.37
C PRO C 122 4.74 -0.62 -9.62
N PHE C 123 5.44 -1.76 -9.58
CA PHE C 123 4.94 -2.91 -8.84
C PHE C 123 5.08 -2.70 -7.33
N HIS C 124 6.22 -2.17 -6.90
CA HIS C 124 6.44 -1.88 -5.49
C HIS C 124 6.14 -0.42 -5.13
N ASP C 125 5.77 0.39 -6.11
CA ASP C 125 5.48 1.81 -5.93
C ASP C 125 6.64 2.52 -5.22
N GLU C 126 7.82 2.41 -5.82
CA GLU C 126 9.01 3.09 -5.33
C GLU C 126 9.48 4.08 -6.38
N LEU C 127 9.44 5.37 -6.03
CA LEU C 127 9.72 6.47 -6.95
C LEU C 127 11.04 7.09 -6.56
N PHE C 128 12.08 6.87 -7.38
CA PHE C 128 13.41 7.42 -7.14
C PHE C 128 13.61 8.66 -8.00
N ARG C 129 14.06 9.75 -7.39
CA ARG C 129 14.17 11.03 -8.07
C ARG C 129 15.46 11.72 -7.66
N GLY C 130 16.15 12.29 -8.64
CA GLY C 130 17.37 13.02 -8.36
C GLY C 130 17.66 14.02 -9.48
N ALA C 131 18.31 15.11 -9.11
CA ALA C 131 18.76 16.10 -10.09
C ALA C 131 19.97 16.82 -9.50
N ALA C 132 20.89 17.22 -10.38
CA ALA C 132 22.14 17.85 -9.96
C ALA C 132 21.88 19.03 -9.04
N GLY C 133 22.47 18.98 -7.84
CA GLY C 133 22.32 20.03 -6.86
C GLY C 133 21.01 20.03 -6.11
N LEU C 134 20.09 19.13 -6.43
CA LEU C 134 18.77 19.10 -5.81
C LEU C 134 18.56 17.92 -4.87
N GLY C 135 19.50 16.97 -4.82
CA GLY C 135 19.39 15.84 -3.92
C GLY C 135 18.71 14.63 -4.56
N ALA C 136 18.69 13.55 -3.79
CA ALA C 136 18.12 12.28 -4.21
C ALA C 136 17.08 11.84 -3.18
N THR C 137 15.96 11.31 -3.67
CA THR C 137 14.87 10.87 -2.80
C THR C 137 14.31 9.55 -3.30
N ARG C 138 13.71 8.80 -2.39
CA ARG C 138 12.82 7.69 -2.74
C ARG C 138 11.48 7.99 -2.09
N ASN C 139 10.41 7.96 -2.89
CA ASN C 139 9.09 8.39 -2.42
C ASN C 139 9.14 9.74 -1.69
N ARG C 140 9.89 10.67 -2.26
CA ARG C 140 9.98 12.08 -1.87
C ARG C 140 10.59 12.27 -0.49
N ARG C 141 11.42 11.34 -0.09
CA ARG C 141 12.18 11.36 1.14
C ARG C 141 13.66 11.09 0.87
N PRO C 142 14.57 11.78 1.56
CA PRO C 142 16.00 11.69 1.21
C PRO C 142 16.55 10.28 1.34
N ILE C 143 17.46 9.95 0.43
CA ILE C 143 18.20 8.69 0.49
C ILE C 143 19.68 8.99 0.36
N LYS C 144 20.50 8.06 0.83
CA LYS C 144 21.93 8.25 0.72
C LYS C 144 22.59 6.88 0.63
N VAL C 145 23.76 6.86 -0.02
CA VAL C 145 24.53 5.63 -0.15
C VAL C 145 24.99 5.13 1.21
N SER C 146 25.40 3.86 1.24
CA SER C 146 25.94 3.23 2.43
C SER C 146 27.37 3.72 2.68
N ASP C 147 27.90 3.34 3.84
CA ASP C 147 29.25 3.69 4.26
C ASP C 147 30.25 2.55 4.09
N THR C 148 29.81 1.38 3.64
CA THR C 148 30.67 0.21 3.56
C THR C 148 31.91 0.46 2.73
N SER C 149 33.08 0.12 3.28
CA SER C 149 34.35 0.29 2.60
C SER C 149 35.08 -1.02 2.31
N GLU C 150 34.73 -2.11 2.99
CA GLU C 150 35.42 -3.38 2.81
C GLU C 150 34.59 -4.31 1.95
N LEU C 151 35.25 -4.95 0.97
CA LEU C 151 34.56 -5.87 0.09
C LEU C 151 33.97 -7.04 0.86
N SER C 152 34.70 -7.55 1.85
CA SER C 152 34.23 -8.67 2.67
C SER C 152 32.95 -8.39 3.42
N LYS C 153 32.62 -7.13 3.66
CA LYS C 153 31.39 -6.77 4.37
C LYS C 153 30.32 -6.23 3.42
N SER C 154 30.56 -6.28 2.12
CA SER C 154 29.72 -5.62 1.13
C SER C 154 28.73 -6.57 0.46
N LEU C 155 27.64 -5.98 -0.03
CA LEU C 155 26.67 -6.65 -0.88
C LEU C 155 26.63 -5.91 -2.20
N LEU C 156 26.87 -6.63 -3.30
CA LEU C 156 26.98 -6.05 -4.62
C LEU C 156 25.89 -6.61 -5.51
N VAL C 157 25.80 -6.06 -6.72
CA VAL C 157 24.86 -6.54 -7.73
C VAL C 157 25.49 -6.33 -9.10
N THR C 158 25.13 -7.20 -10.04
CA THR C 158 25.64 -7.12 -11.39
C THR C 158 24.62 -7.74 -12.32
N GLY C 159 24.91 -7.71 -13.62
CA GLY C 159 24.06 -8.27 -14.64
C GLY C 159 24.89 -8.88 -15.74
N PHE C 160 24.20 -9.44 -16.74
CA PHE C 160 24.84 -10.18 -17.82
C PHE C 160 24.18 -9.81 -19.14
N ALA C 161 24.99 -9.55 -20.15
CA ALA C 161 24.53 -8.91 -21.37
C ALA C 161 23.88 -9.90 -22.34
N TYR C 162 23.11 -9.35 -23.27
CA TYR C 162 22.47 -10.19 -24.29
C TYR C 162 23.50 -10.87 -25.18
N ASP C 163 24.70 -10.28 -25.33
CA ASP C 163 25.74 -10.83 -26.17
C ASP C 163 26.65 -11.83 -25.45
N ARG C 164 26.27 -12.28 -24.25
CA ARG C 164 27.20 -13.01 -23.38
C ARG C 164 27.68 -14.34 -23.98
N ARG C 165 26.93 -14.94 -24.89
CA ARG C 165 27.36 -16.21 -25.49
C ARG C 165 28.36 -16.04 -26.61
N GLU C 166 28.56 -14.81 -27.08
CA GLU C 166 29.35 -14.53 -28.28
C GLU C 166 30.75 -14.00 -27.98
N THR C 167 31.03 -13.60 -26.75
CA THR C 167 32.33 -13.09 -26.36
C THR C 167 32.79 -13.84 -25.12
N PRO C 168 34.10 -14.03 -24.96
CA PRO C 168 34.61 -14.58 -23.70
C PRO C 168 34.45 -13.62 -22.54
N ASP C 169 34.32 -12.33 -22.83
CA ASP C 169 34.08 -11.31 -21.80
C ASP C 169 32.58 -11.29 -21.49
N ASN C 170 32.14 -12.31 -20.76
CA ASN C 170 30.74 -12.51 -20.45
C ASN C 170 30.34 -12.07 -19.05
N ASN C 171 31.28 -11.57 -18.25
CA ASN C 171 31.12 -11.08 -16.87
C ASN C 171 31.04 -12.21 -15.86
N TYR C 172 31.17 -13.47 -16.28
CA TYR C 172 31.11 -14.59 -15.33
C TYR C 172 32.29 -14.58 -14.37
N ALA C 173 33.51 -14.34 -14.91
CA ALA C 173 34.69 -14.32 -14.06
C ALA C 173 34.57 -13.27 -12.97
N GLU C 174 34.08 -12.07 -13.33
CA GLU C 174 33.86 -11.01 -12.36
C GLU C 174 32.84 -11.45 -11.31
N PHE C 175 31.74 -12.08 -11.74
CA PHE C 175 30.70 -12.51 -10.81
C PHE C 175 31.25 -13.53 -9.81
N CYS C 176 32.03 -14.47 -10.26
CA CYS C 176 32.57 -15.46 -9.39
C CYS C 176 33.60 -14.89 -8.43
N HIS C 177 34.47 -14.07 -8.93
CA HIS C 177 35.50 -13.48 -8.12
C HIS C 177 34.87 -12.68 -6.99
N LEU C 178 33.98 -11.79 -7.33
CA LEU C 178 33.31 -10.95 -6.35
C LEU C 178 32.42 -11.69 -5.39
N THR C 179 31.83 -12.78 -5.84
CA THR C 179 31.01 -13.60 -4.98
C THR C 179 31.92 -14.29 -3.91
N HIS C 180 33.15 -14.61 -4.26
CA HIS C 180 34.09 -15.12 -3.32
C HIS C 180 34.61 -14.06 -2.34
N LEU C 181 34.70 -12.83 -2.75
CA LEU C 181 35.24 -11.79 -1.94
C LEU C 181 34.26 -10.96 -1.13
N THR C 182 32.98 -11.09 -1.37
CA THR C 182 32.00 -10.30 -0.67
C THR C 182 30.99 -11.13 0.04
N GLN C 183 30.00 -10.49 0.63
CA GLN C 183 28.92 -11.20 1.28
C GLN C 183 27.95 -11.77 0.24
N GLY C 184 28.03 -11.32 -1.00
CA GLY C 184 27.17 -11.82 -2.05
C GLY C 184 27.04 -10.82 -3.17
N VAL C 185 26.71 -11.33 -4.36
CA VAL C 185 26.43 -10.52 -5.53
C VAL C 185 25.03 -10.88 -6.00
N ARG C 186 24.14 -9.91 -5.95
CA ARG C 186 22.77 -10.12 -6.38
C ARG C 186 22.65 -10.02 -7.90
N ARG C 187 21.53 -10.53 -8.41
CA ARG C 187 21.16 -10.43 -9.83
C ARG C 187 19.66 -10.18 -9.85
N SER C 188 19.27 -8.93 -10.09
CA SER C 188 17.87 -8.52 -10.06
C SER C 188 17.22 -8.56 -11.43
N GLY C 189 17.97 -8.22 -12.49
CA GLY C 189 17.41 -8.14 -13.82
C GLY C 189 17.01 -6.76 -14.29
N SER C 190 17.28 -5.71 -13.50
CA SER C 190 17.00 -4.34 -13.91
C SER C 190 18.17 -3.45 -13.52
N ALA C 191 18.89 -2.95 -14.53
CA ALA C 191 20.05 -2.10 -14.28
C ALA C 191 19.65 -0.78 -13.62
N ALA C 192 18.52 -0.21 -14.04
CA ALA C 192 18.06 1.04 -13.44
C ALA C 192 17.72 0.85 -11.97
N LEU C 193 17.03 -0.25 -11.64
CA LEU C 193 16.75 -0.52 -10.23
C LEU C 193 18.02 -0.83 -9.46
N ASP C 194 18.99 -1.49 -10.09
CA ASP C 194 20.26 -1.74 -9.41
C ASP C 194 20.95 -0.43 -9.04
N LEU C 195 20.96 0.54 -9.95
CA LEU C 195 21.55 1.84 -9.64
C LEU C 195 20.77 2.52 -8.52
N ALA C 196 19.44 2.44 -8.57
CA ALA C 196 18.62 2.99 -7.50
C ALA C 196 18.92 2.32 -6.17
N HIS C 197 19.23 1.03 -6.18
CA HIS C 197 19.53 0.34 -4.93
C HIS C 197 20.88 0.74 -4.36
N VAL C 198 21.86 1.05 -5.21
CA VAL C 198 23.09 1.65 -4.70
C VAL C 198 22.80 3.01 -4.10
N ALA C 199 21.94 3.78 -4.77
CA ALA C 199 21.67 5.16 -4.37
C ALA C 199 21.06 5.23 -2.96
N CYS C 200 20.24 4.26 -2.60
CA CYS C 200 19.61 4.27 -1.28
C CYS C 200 20.28 3.32 -0.29
N GLY C 201 21.43 2.73 -0.65
CA GLY C 201 22.23 1.97 0.31
C GLY C 201 21.83 0.52 0.50
N ARG C 202 20.92 0.00 -0.32
CA ARG C 202 20.52 -1.40 -0.22
C ARG C 202 21.59 -2.35 -0.77
N VAL C 203 22.44 -1.87 -1.67
CA VAL C 203 23.69 -2.54 -2.02
C VAL C 203 24.80 -1.50 -1.96
N ASP C 204 26.04 -1.98 -1.93
CA ASP C 204 27.19 -1.09 -1.80
C ASP C 204 27.83 -0.73 -3.13
N GLY C 205 27.51 -1.48 -4.19
CA GLY C 205 28.16 -1.26 -5.46
C GLY C 205 27.52 -2.09 -6.53
N TYR C 206 27.71 -1.66 -7.77
CA TYR C 206 27.11 -2.25 -8.95
C TYR C 206 28.09 -2.10 -10.10
N TRP C 207 28.23 -3.16 -10.90
CA TRP C 207 29.01 -3.09 -12.13
C TRP C 207 28.33 -3.93 -13.18
N GLU C 208 28.49 -3.54 -14.44
CA GLU C 208 27.92 -4.30 -15.55
C GLU C 208 28.57 -3.85 -16.85
N ARG C 209 28.65 -4.78 -17.80
CA ARG C 209 29.03 -4.46 -19.17
C ARG C 209 27.85 -4.72 -20.10
N GLY C 210 27.92 -4.12 -21.29
CA GLY C 210 26.86 -4.30 -22.27
C GLY C 210 25.57 -3.57 -21.96
N ILE C 211 25.63 -2.49 -21.18
CA ILE C 211 24.43 -1.72 -20.89
C ILE C 211 24.29 -0.61 -21.91
N SER C 212 23.10 -0.04 -21.99
CA SER C 212 22.79 1.02 -22.95
C SER C 212 22.55 2.33 -22.20
N PRO C 213 22.65 3.47 -22.89
CA PRO C 213 22.47 4.76 -22.20
C PRO C 213 21.13 4.87 -21.49
N TRP C 214 20.04 4.41 -22.10
CA TRP C 214 18.74 4.55 -21.46
C TRP C 214 18.63 3.68 -20.21
N ASP C 215 19.50 2.68 -20.06
CA ASP C 215 19.47 1.86 -18.85
C ASP C 215 20.00 2.61 -17.64
N VAL C 216 20.92 3.56 -17.84
CA VAL C 216 21.75 4.02 -16.74
C VAL C 216 21.69 5.53 -16.51
N VAL C 217 21.28 6.34 -17.48
CA VAL C 217 21.43 7.79 -17.35
C VAL C 217 20.70 8.31 -16.10
N ALA C 218 19.45 7.90 -15.91
CA ALA C 218 18.72 8.37 -14.72
C ALA C 218 19.38 7.89 -13.44
N GLY C 219 19.82 6.62 -13.42
CA GLY C 219 20.42 6.07 -12.21
C GLY C 219 21.74 6.70 -11.84
N VAL C 220 22.51 7.14 -12.85
CA VAL C 220 23.81 7.74 -12.60
C VAL C 220 23.68 9.03 -11.81
N ILE C 221 22.82 9.94 -12.27
CA ILE C 221 22.72 11.21 -11.56
C ILE C 221 22.06 11.00 -10.21
N LEU C 222 21.07 10.09 -10.14
CA LEU C 222 20.48 9.72 -8.86
C LEU C 222 21.55 9.27 -7.87
N LEU C 223 22.44 8.39 -8.32
CA LEU C 223 23.45 7.85 -7.41
C LEU C 223 24.44 8.94 -6.99
N GLU C 224 24.87 9.78 -7.93
CA GLU C 224 25.78 10.86 -7.59
C GLU C 224 25.17 11.82 -6.59
N GLU C 225 23.90 12.18 -6.79
CA GLU C 225 23.23 13.05 -5.83
C GLU C 225 23.11 12.38 -4.47
N ALA C 226 22.99 11.05 -4.44
CA ALA C 226 22.94 10.30 -3.20
C ALA C 226 24.30 10.16 -2.53
N GLY C 227 25.37 10.66 -3.15
CA GLY C 227 26.70 10.59 -2.56
C GLY C 227 27.61 9.52 -3.12
N GLY C 228 27.22 8.85 -4.20
CA GLY C 228 28.00 7.76 -4.76
C GLY C 228 28.93 8.22 -5.86
N LYS C 229 29.54 7.24 -6.53
CA LYS C 229 30.54 7.50 -7.55
C LYS C 229 30.34 6.52 -8.70
N VAL C 230 30.45 7.03 -9.93
CA VAL C 230 30.20 6.27 -11.15
C VAL C 230 31.36 6.51 -12.11
N THR C 231 32.05 5.45 -12.50
CA THR C 231 33.21 5.54 -13.39
C THR C 231 33.25 4.34 -14.32
N ALA C 232 34.31 4.27 -15.12
CA ALA C 232 34.63 3.02 -15.79
C ALA C 232 35.18 2.03 -14.76
N TYR C 233 35.37 0.78 -15.18
CA TYR C 233 35.85 -0.25 -14.26
C TYR C 233 37.19 0.15 -13.63
N ASP C 234 38.06 0.80 -14.40
CA ASP C 234 39.38 1.16 -13.91
C ASP C 234 39.41 2.53 -13.23
N SER C 235 38.24 3.12 -12.94
CA SER C 235 38.08 4.40 -12.25
C SER C 235 38.39 5.60 -13.12
N THR C 236 38.69 5.42 -14.41
CA THR C 236 38.70 6.55 -15.32
C THR C 236 37.25 6.98 -15.56
N PRO C 237 37.03 8.20 -16.06
CA PRO C 237 35.65 8.72 -16.11
C PRO C 237 34.69 7.81 -16.85
N LEU C 238 33.43 7.83 -16.40
CA LEU C 238 32.38 7.02 -17.03
C LEU C 238 32.26 7.34 -18.50
N LYS C 239 32.21 6.28 -19.33
CA LYS C 239 32.03 6.43 -20.77
C LYS C 239 30.87 5.51 -21.15
N ILE C 240 29.65 6.06 -21.20
CA ILE C 240 28.46 5.26 -21.42
C ILE C 240 28.50 4.52 -22.75
N ALA C 241 29.13 5.12 -23.77
CA ALA C 241 29.17 4.49 -25.09
C ALA C 241 29.87 3.13 -25.05
N THR C 242 30.79 2.91 -24.12
CA THR C 242 31.46 1.61 -24.03
C THR C 242 30.56 0.54 -23.43
N GLY C 243 29.43 0.92 -22.83
CA GLY C 243 28.53 -0.04 -22.23
C GLY C 243 28.98 -0.61 -20.90
N ARG C 244 30.03 -0.05 -20.29
CA ARG C 244 30.56 -0.55 -19.04
C ARG C 244 30.36 0.50 -17.96
N ILE C 245 30.00 0.08 -16.75
CA ILE C 245 29.73 1.01 -15.67
C ILE C 245 30.16 0.38 -14.35
N LEU C 246 30.78 1.22 -13.50
CA LEU C 246 31.09 0.86 -12.12
C LEU C 246 30.48 1.94 -11.24
N ALA C 247 29.55 1.56 -10.38
CA ALA C 247 28.72 2.52 -9.65
C ALA C 247 28.61 2.07 -8.20
N THR C 248 29.14 2.87 -7.29
CA THR C 248 29.30 2.44 -5.90
C THR C 248 28.91 3.56 -4.94
N ASN C 249 28.96 3.22 -3.65
CA ASN C 249 28.79 4.21 -2.60
C ASN C 249 29.96 5.17 -2.49
N GLY C 250 31.03 4.96 -3.26
CA GLY C 250 32.19 5.84 -3.23
C GLY C 250 33.26 5.37 -2.28
N SER C 251 32.86 4.86 -1.11
CA SER C 251 33.82 4.41 -0.12
C SER C 251 34.45 3.09 -0.54
N ILE C 252 33.71 2.25 -1.25
CA ILE C 252 34.22 0.97 -1.72
C ILE C 252 34.73 1.03 -3.15
N HIS C 253 34.72 2.21 -3.77
CA HIS C 253 34.99 2.31 -5.20
C HIS C 253 36.37 1.78 -5.54
N ASP C 254 37.38 2.14 -4.75
CA ASP C 254 38.75 1.78 -5.08
C ASP C 254 38.98 0.28 -4.95
N ASN C 255 38.50 -0.32 -3.86
CA ASN C 255 38.68 -1.76 -3.68
C ASN C 255 37.93 -2.55 -4.75
N LEU C 256 36.70 -2.15 -5.06
CA LEU C 256 35.95 -2.86 -6.10
C LEU C 256 36.58 -2.68 -7.47
N SER C 257 37.07 -1.48 -7.77
CA SER C 257 37.74 -1.25 -9.05
C SER C 257 38.97 -2.14 -9.19
N ARG C 258 39.78 -2.22 -8.13
CA ARG C 258 40.97 -3.07 -8.20
C ARG C 258 40.60 -4.54 -8.33
N ALA C 259 39.53 -4.97 -7.65
CA ALA C 259 39.13 -6.37 -7.74
C ALA C 259 38.67 -6.72 -9.15
N LEU C 260 37.94 -5.82 -9.80
CA LEU C 260 37.49 -6.06 -11.17
C LEU C 260 38.66 -6.05 -12.15
N MET C 261 39.68 -5.23 -11.91
CA MET C 261 40.81 -5.16 -12.84
C MET C 261 41.75 -6.36 -12.71
N GLN C 262 41.79 -6.98 -11.54
CA GLN C 262 42.66 -8.12 -11.28
C GLN C 262 41.98 -9.46 -11.51
N VAL C 263 40.76 -9.45 -12.03
CA VAL C 263 39.89 -10.64 -12.06
C VAL C 263 40.58 -11.83 -12.70
N PRO C 264 40.67 -12.96 -12.00
CA PRO C 264 41.18 -14.18 -12.63
C PRO C 264 40.17 -14.74 -13.62
N PRO C 265 40.64 -15.31 -14.72
CA PRO C 265 39.72 -15.90 -15.71
C PRO C 265 39.06 -17.14 -15.16
N LEU C 266 37.96 -17.53 -15.80
CA LEU C 266 37.23 -18.73 -15.39
C LEU C 266 38.12 -19.96 -15.46
N SER C 267 38.99 -20.02 -16.47
CA SER C 267 39.90 -21.14 -16.66
C SER C 267 40.84 -21.34 -15.48
N ALA C 268 41.03 -20.34 -14.62
CA ALA C 268 41.89 -20.48 -13.45
C ALA C 268 41.21 -21.16 -12.27
N TRP C 269 39.91 -21.42 -12.34
CA TRP C 269 39.19 -22.13 -11.28
C TRP C 269 39.27 -23.64 -11.43
N MET D 1 -7.48 -32.42 5.27
CA MET D 1 -8.31 -32.78 6.41
C MET D 1 -8.41 -31.61 7.39
N THR D 2 -9.09 -31.83 8.51
CA THR D 2 -9.40 -30.72 9.40
C THR D 2 -8.16 -30.23 10.14
N ASN D 3 -7.29 -31.14 10.58
CA ASN D 3 -6.08 -30.73 11.30
C ASN D 3 -5.17 -29.86 10.42
N LEU D 4 -5.02 -30.22 9.14
CA LEU D 4 -4.10 -29.46 8.29
C LEU D 4 -4.54 -28.02 8.10
N GLN D 5 -5.85 -27.78 7.97
CA GLN D 5 -6.32 -26.40 7.90
C GLN D 5 -6.05 -25.69 9.23
N THR D 6 -6.23 -26.40 10.33
CA THR D 6 -5.92 -25.84 11.64
C THR D 6 -4.44 -25.55 11.77
N PHE D 7 -3.59 -26.45 11.29
CA PHE D 7 -2.15 -26.18 11.28
C PHE D 7 -1.83 -24.96 10.43
N LEU D 8 -2.47 -24.85 9.25
CA LEU D 8 -2.21 -23.73 8.36
C LEU D 8 -2.69 -22.41 8.97
N ASP D 9 -3.82 -22.44 9.68
CA ASP D 9 -4.32 -21.25 10.35
C ASP D 9 -3.30 -20.69 11.33
N ILE D 10 -2.72 -21.56 12.16
CA ILE D 10 -1.82 -21.11 13.21
C ILE D 10 -0.48 -20.67 12.62
N ALA D 11 0.02 -21.43 11.65
CA ALA D 11 1.26 -21.03 10.99
C ALA D 11 1.12 -19.68 10.31
N THR D 12 -0.07 -19.38 9.76
CA THR D 12 -0.29 -18.08 9.14
C THR D 12 -0.21 -16.97 10.17
N GLU D 13 -0.89 -17.13 11.31
CA GLU D 13 -0.85 -16.09 12.33
C GLU D 13 0.55 -15.92 12.91
N ALA D 14 1.29 -17.03 13.07
CA ALA D 14 2.66 -16.92 13.57
C ALA D 14 3.54 -16.17 12.59
N ALA D 15 3.38 -16.42 11.29
CA ALA D 15 4.20 -15.73 10.29
C ALA D 15 3.87 -14.24 10.26
N LEU D 16 2.59 -13.89 10.33
CA LEU D 16 2.21 -12.49 10.32
C LEU D 16 2.71 -11.77 11.57
N ALA D 17 2.63 -12.42 12.73
CA ALA D 17 3.12 -11.82 13.97
C ALA D 17 4.63 -11.60 13.91
N ALA D 18 5.36 -12.61 13.44
CA ALA D 18 6.80 -12.47 13.33
C ALA D 18 7.19 -11.44 12.28
N GLY D 19 6.46 -11.40 11.16
CA GLY D 19 6.77 -10.41 10.13
C GLY D 19 6.64 -8.99 10.65
N ALA D 20 5.64 -8.74 11.50
CA ALA D 20 5.47 -7.42 12.11
C ALA D 20 6.66 -7.09 13.00
N VAL D 21 7.18 -8.08 13.71
CA VAL D 21 8.37 -7.87 14.54
C VAL D 21 9.55 -7.46 13.67
N LEU D 22 9.74 -8.16 12.55
CA LEU D 22 10.84 -7.83 11.64
C LEU D 22 10.68 -6.42 11.07
N GLN D 23 9.43 -6.04 10.74
CA GLN D 23 9.18 -4.70 10.23
C GLN D 23 9.49 -3.64 11.29
N GLY D 24 9.17 -3.93 12.55
CA GLY D 24 9.44 -2.99 13.62
C GLY D 24 10.90 -2.63 13.75
N TYR D 25 11.78 -3.63 13.64
CA TYR D 25 13.21 -3.42 13.77
C TYR D 25 13.81 -2.58 12.65
N LEU D 26 13.10 -2.43 11.53
CA LEU D 26 13.66 -1.73 10.38
C LEU D 26 13.95 -0.27 10.66
N GLY D 27 13.27 0.33 11.65
CA GLY D 27 13.55 1.70 12.03
C GLY D 27 14.80 1.84 12.88
N VAL D 43 20.06 -6.84 13.66
CA VAL D 43 19.80 -7.99 12.82
C VAL D 43 19.68 -9.27 13.65
N THR D 44 20.69 -9.52 14.50
CA THR D 44 20.63 -10.66 15.42
C THR D 44 19.48 -10.49 16.41
N ALA D 45 19.29 -9.28 16.93
CA ALA D 45 18.16 -9.02 17.83
C ALA D 45 16.84 -9.23 17.11
N ALA D 46 16.73 -8.72 15.87
CA ALA D 46 15.50 -8.91 15.10
C ALA D 46 15.21 -10.39 14.88
N ASP D 47 16.25 -11.15 14.49
CA ASP D 47 16.07 -12.58 14.28
C ASP D 47 15.65 -13.29 15.57
N LYS D 48 16.23 -12.87 16.70
CA LYS D 48 15.87 -13.44 18.00
C LYS D 48 14.43 -13.12 18.36
N ALA D 49 14.02 -11.86 18.15
CA ALA D 49 12.67 -11.45 18.51
C ALA D 49 11.63 -12.16 17.65
N SER D 50 11.93 -12.34 16.37
CA SER D 50 10.99 -13.05 15.49
C SER D 50 10.85 -14.51 15.89
N GLU D 51 11.97 -15.18 16.20
CA GLU D 51 11.92 -16.58 16.60
C GLU D 51 11.11 -16.76 17.87
N ALA D 52 11.31 -15.88 18.86
CA ALA D 52 10.56 -15.99 20.11
C ALA D 52 9.06 -15.89 19.86
N VAL D 53 8.65 -14.97 18.98
CA VAL D 53 7.24 -14.80 18.66
C VAL D 53 6.69 -16.08 18.02
N VAL D 54 7.42 -16.63 17.04
CA VAL D 54 6.97 -17.83 16.35
C VAL D 54 6.88 -19.01 17.32
N LEU D 55 7.92 -19.23 18.12
CA LEU D 55 7.95 -20.37 19.02
C LEU D 55 6.82 -20.29 20.03
N GLU D 56 6.57 -19.10 20.60
CA GLU D 56 5.51 -18.96 21.59
C GLU D 56 4.16 -19.35 21.01
N ILE D 57 3.87 -18.92 19.78
CA ILE D 57 2.57 -19.20 19.17
C ILE D 57 2.42 -20.69 18.89
N ILE D 58 3.43 -21.30 18.24
CA ILE D 58 3.33 -22.71 17.86
C ILE D 58 3.24 -23.59 19.08
N ARG D 59 4.05 -23.29 20.10
CA ARG D 59 4.06 -24.11 21.30
C ARG D 59 2.77 -23.96 22.10
N ARG D 60 2.15 -22.79 22.07
CA ARG D 60 0.92 -22.60 22.83
C ARG D 60 -0.24 -23.34 22.18
N HIS D 61 -0.31 -23.35 20.84
CA HIS D 61 -1.39 -24.06 20.17
C HIS D 61 -1.12 -25.56 20.05
N PHE D 62 0.14 -25.96 19.88
CA PHE D 62 0.50 -27.36 19.66
C PHE D 62 1.60 -27.76 20.63
N PRO D 63 1.28 -27.91 21.91
CA PRO D 63 2.32 -28.26 22.90
C PRO D 63 2.97 -29.62 22.66
N GLN D 64 2.31 -30.53 21.95
CA GLN D 64 2.86 -31.86 21.71
C GLN D 64 3.73 -31.93 20.47
N HIS D 65 3.79 -30.87 19.67
CA HIS D 65 4.61 -30.88 18.49
C HIS D 65 6.06 -30.57 18.84
N SER D 66 6.96 -30.99 17.97
CA SER D 66 8.38 -30.71 18.12
C SER D 66 8.80 -29.62 17.15
N ILE D 67 9.92 -28.98 17.48
CA ILE D 67 10.50 -27.92 16.67
C ILE D 67 11.81 -28.50 16.15
N LEU D 68 12.07 -28.36 14.85
CA LEU D 68 13.19 -29.10 14.26
C LEU D 68 14.54 -28.81 14.92
N ALA D 69 15.15 -29.89 15.37
CA ALA D 69 16.41 -29.98 16.07
C ALA D 69 16.54 -31.42 16.53
N ASN D 80 6.32 -35.81 17.46
CA ASN D 80 7.46 -36.17 16.63
C ASN D 80 7.00 -36.56 15.24
N GLU D 81 5.80 -37.14 15.18
CA GLU D 81 5.04 -37.15 13.93
C GLU D 81 4.96 -35.75 13.34
N TYR D 82 4.86 -34.74 14.21
CA TYR D 82 4.73 -33.34 13.82
C TYR D 82 6.01 -32.60 14.16
N LEU D 83 6.61 -31.98 13.15
CA LEU D 83 7.90 -31.31 13.32
C LEU D 83 7.91 -29.99 12.55
N TRP D 84 8.05 -28.89 13.27
CA TRP D 84 8.04 -27.56 12.66
C TRP D 84 9.45 -27.13 12.28
N ALA D 85 9.63 -26.74 11.02
CA ALA D 85 10.88 -26.22 10.50
C ALA D 85 10.73 -24.72 10.29
N ILE D 86 11.34 -23.94 11.18
CA ILE D 86 11.09 -22.49 11.26
C ILE D 86 12.35 -21.74 10.88
N ASP D 87 12.23 -20.81 9.94
CA ASP D 87 13.26 -19.79 9.76
C ASP D 87 12.70 -18.43 10.15
N PRO D 88 13.12 -17.87 11.29
CA PRO D 88 12.56 -16.58 11.74
C PRO D 88 12.98 -15.42 10.88
N LEU D 89 14.04 -15.57 10.09
CA LEU D 89 14.51 -14.48 9.24
C LEU D 89 15.39 -15.13 8.17
N ASP D 90 14.77 -15.51 7.06
CA ASP D 90 15.50 -16.00 5.90
C ASP D 90 15.91 -14.79 5.06
N GLY D 91 17.18 -14.76 4.65
CA GLY D 91 17.69 -13.60 3.95
C GLY D 91 18.40 -12.65 4.90
N THR D 92 19.24 -13.21 5.77
CA THR D 92 19.84 -12.41 6.83
C THR D 92 20.78 -11.34 6.27
N THR D 93 21.61 -11.70 5.28
CA THR D 93 22.47 -10.71 4.64
C THR D 93 21.65 -9.59 4.00
N ASN D 94 20.58 -9.94 3.28
CA ASN D 94 19.71 -8.93 2.71
C ASN D 94 19.16 -8.00 3.78
N TYR D 95 18.66 -8.58 4.87
CA TYR D 95 18.06 -7.79 5.93
C TYR D 95 19.06 -6.81 6.53
N ALA D 96 20.30 -7.27 6.76
CA ALA D 96 21.34 -6.39 7.30
C ALA D 96 21.58 -5.19 6.39
N HIS D 97 21.42 -5.35 5.08
CA HIS D 97 21.62 -4.28 4.13
C HIS D 97 20.33 -3.58 3.74
N GLN D 98 19.20 -3.99 4.33
CA GLN D 98 17.86 -3.57 3.93
C GLN D 98 17.58 -3.88 2.45
N TYR D 99 18.23 -4.91 1.92
CA TYR D 99 17.92 -5.36 0.57
C TYR D 99 16.57 -6.08 0.61
N PRO D 100 15.53 -5.64 -0.23
CA PRO D 100 14.14 -6.11 0.00
C PRO D 100 13.88 -7.52 -0.51
N ALA D 101 14.51 -8.49 0.16
CA ALA D 101 14.27 -9.91 -0.15
C ALA D 101 14.58 -10.71 1.11
N PHE D 102 13.63 -10.71 2.04
CA PHE D 102 13.74 -11.49 3.26
C PHE D 102 12.35 -11.86 3.71
N CYS D 103 12.26 -12.89 4.56
CA CYS D 103 10.95 -13.41 4.92
C CYS D 103 11.05 -14.26 6.17
N VAL D 104 9.87 -14.60 6.69
CA VAL D 104 9.69 -15.63 7.71
C VAL D 104 9.19 -16.88 7.00
N SER D 105 9.77 -18.03 7.32
CA SER D 105 9.35 -19.30 6.72
C SER D 105 8.96 -20.25 7.84
N ILE D 106 7.73 -20.79 7.76
CA ILE D 106 7.20 -21.68 8.78
C ILE D 106 6.66 -22.92 8.07
N GLY D 107 7.33 -24.06 8.24
CA GLY D 107 6.92 -25.30 7.60
C GLY D 107 6.68 -26.40 8.63
N LEU D 108 5.75 -27.30 8.29
CA LEU D 108 5.44 -28.44 9.15
C LEU D 108 5.77 -29.72 8.41
N LEU D 109 6.60 -30.55 9.02
CA LEU D 109 6.87 -31.89 8.56
C LEU D 109 5.97 -32.86 9.32
N ILE D 110 5.20 -33.66 8.60
CA ILE D 110 4.39 -34.71 9.18
C ILE D 110 5.01 -36.04 8.77
N ASN D 111 5.56 -36.75 9.76
CA ASN D 111 6.34 -37.96 9.51
C ASN D 111 7.44 -37.70 8.49
N GLY D 112 8.11 -36.57 8.65
CA GLY D 112 9.24 -36.19 7.82
C GLY D 112 8.92 -35.69 6.43
N VAL D 113 7.65 -35.42 6.12
CA VAL D 113 7.23 -34.98 4.80
C VAL D 113 6.67 -33.58 4.93
N PRO D 114 7.12 -32.60 4.15
CA PRO D 114 6.54 -31.26 4.21
C PRO D 114 5.08 -31.27 3.81
N GLN D 115 4.23 -30.74 4.69
CA GLN D 115 2.78 -30.75 4.49
C GLN D 115 2.10 -29.41 4.71
N VAL D 116 2.70 -28.49 5.46
CA VAL D 116 2.13 -27.16 5.67
C VAL D 116 3.26 -26.15 5.52
N GLY D 117 2.98 -25.07 4.79
CA GLY D 117 3.99 -24.05 4.58
C GLY D 117 3.45 -22.64 4.51
N VAL D 118 4.08 -21.73 5.25
CA VAL D 118 3.76 -20.31 5.16
C VAL D 118 5.06 -19.53 5.02
N ILE D 119 5.10 -18.65 4.03
CA ILE D 119 6.24 -17.78 3.78
C ILE D 119 5.71 -16.36 3.68
N TYR D 120 6.24 -15.47 4.51
CA TYR D 120 5.73 -14.10 4.57
C TYR D 120 6.87 -13.12 4.35
N ASP D 121 6.77 -12.35 3.27
CA ASP D 121 7.65 -11.22 2.99
C ASP D 121 7.00 -9.99 3.62
N PRO D 122 7.50 -9.52 4.77
CA PRO D 122 6.84 -8.39 5.45
C PRO D 122 7.14 -7.04 4.82
N PHE D 123 8.21 -6.91 4.04
CA PHE D 123 8.52 -5.64 3.40
C PHE D 123 7.59 -5.37 2.23
N HIS D 124 7.30 -6.39 1.42
CA HIS D 124 6.34 -6.27 0.32
C HIS D 124 4.95 -6.74 0.68
N ASP D 125 4.76 -7.24 1.90
CA ASP D 125 3.48 -7.76 2.38
C ASP D 125 2.92 -8.82 1.43
N GLU D 126 3.73 -9.85 1.19
CA GLU D 126 3.31 -10.97 0.36
C GLU D 126 3.29 -12.22 1.22
N LEU D 127 2.10 -12.79 1.38
CA LEU D 127 1.85 -13.93 2.27
C LEU D 127 1.58 -15.16 1.40
N PHE D 128 2.52 -16.09 1.40
CA PHE D 128 2.38 -17.34 0.64
C PHE D 128 1.95 -18.44 1.60
N ARG D 129 0.92 -19.20 1.22
CA ARG D 129 0.35 -20.22 2.09
C ARG D 129 0.02 -21.46 1.29
N GLY D 130 0.34 -22.62 1.85
CA GLY D 130 0.02 -23.88 1.20
C GLY D 130 -0.08 -25.01 2.20
N ALA D 131 -0.91 -25.99 1.88
CA ALA D 131 -1.03 -27.20 2.68
C ALA D 131 -1.50 -28.32 1.78
N ALA D 132 -1.07 -29.55 2.10
CA ALA D 132 -1.37 -30.70 1.27
C ALA D 132 -2.87 -30.82 1.02
N GLY D 133 -3.24 -30.83 -0.26
CA GLY D 133 -4.64 -30.96 -0.65
C GLY D 133 -5.47 -29.71 -0.47
N LEU D 134 -4.91 -28.62 0.06
CA LEU D 134 -5.67 -27.41 0.33
C LEU D 134 -5.34 -26.27 -0.60
N GLY D 135 -4.34 -26.43 -1.47
CA GLY D 135 -4.01 -25.42 -2.46
C GLY D 135 -2.92 -24.46 -2.01
N ALA D 136 -2.50 -23.62 -2.95
CA ALA D 136 -1.45 -22.64 -2.74
C ALA D 136 -2.00 -21.26 -3.07
N THR D 137 -1.70 -20.28 -2.24
CA THR D 137 -2.19 -18.93 -2.42
C THR D 137 -1.08 -17.93 -2.09
N ARG D 138 -1.20 -16.75 -2.67
CA ARG D 138 -0.46 -15.59 -2.20
C ARG D 138 -1.47 -14.49 -1.90
N ASN D 139 -1.38 -13.92 -0.71
CA ASN D 139 -2.37 -12.98 -0.20
C ASN D 139 -3.79 -13.52 -0.40
N ARG D 140 -3.93 -14.82 -0.12
CA ARG D 140 -5.23 -15.51 -0.08
C ARG D 140 -5.91 -15.56 -1.44
N ARG D 141 -5.13 -15.50 -2.52
CA ARG D 141 -5.66 -15.76 -3.84
C ARG D 141 -4.81 -16.85 -4.51
N PRO D 142 -5.42 -17.70 -5.33
CA PRO D 142 -4.70 -18.87 -5.86
C PRO D 142 -3.50 -18.47 -6.72
N ILE D 143 -2.45 -19.28 -6.62
CA ILE D 143 -1.27 -19.13 -7.46
C ILE D 143 -0.95 -20.48 -8.10
N LYS D 144 -0.20 -20.42 -9.20
CA LYS D 144 0.15 -21.63 -9.92
C LYS D 144 1.48 -21.41 -10.61
N VAL D 145 2.21 -22.52 -10.80
CA VAL D 145 3.48 -22.47 -11.51
C VAL D 145 3.27 -22.12 -12.98
N SER D 146 4.37 -21.72 -13.62
CA SER D 146 4.35 -21.44 -15.05
C SER D 146 4.31 -22.75 -15.83
N ASP D 147 4.10 -22.63 -17.14
CA ASP D 147 4.10 -23.79 -18.03
C ASP D 147 5.36 -23.91 -18.88
N THR D 148 6.32 -22.99 -18.73
CA THR D 148 7.52 -22.97 -19.55
C THR D 148 8.25 -24.32 -19.53
N SER D 149 8.58 -24.83 -20.70
CA SER D 149 9.27 -26.12 -20.82
C SER D 149 10.67 -26.03 -21.40
N GLU D 150 11.00 -24.94 -22.10
CA GLU D 150 12.30 -24.83 -22.77
C GLU D 150 13.22 -23.93 -21.97
N LEU D 151 14.46 -24.40 -21.77
CA LEU D 151 15.44 -23.63 -21.02
C LEU D 151 15.71 -22.28 -21.66
N SER D 152 15.75 -22.23 -23.00
CA SER D 152 16.00 -20.98 -23.72
C SER D 152 14.96 -19.91 -23.44
N LYS D 153 13.75 -20.28 -23.03
CA LYS D 153 12.69 -19.32 -22.73
C LYS D 153 12.46 -19.15 -21.24
N SER D 154 13.31 -19.74 -20.40
CA SER D 154 13.08 -19.77 -18.97
C SER D 154 13.85 -18.71 -18.20
N LEU D 155 13.33 -18.37 -17.02
CA LEU D 155 14.00 -17.53 -16.04
C LEU D 155 14.17 -18.38 -14.78
N LEU D 156 15.39 -18.49 -14.30
CA LEU D 156 15.71 -19.33 -13.16
C LEU D 156 16.28 -18.47 -12.03
N VAL D 157 16.49 -19.10 -10.89
CA VAL D 157 17.11 -18.44 -9.74
C VAL D 157 17.92 -19.49 -8.99
N THR D 158 19.01 -19.06 -8.34
CA THR D 158 19.85 -19.94 -7.55
C THR D 158 20.51 -19.12 -6.46
N GLY D 159 21.29 -19.80 -5.61
CA GLY D 159 22.02 -19.14 -4.55
C GLY D 159 23.37 -19.81 -4.35
N PHE D 160 24.15 -19.25 -3.41
CA PHE D 160 25.53 -19.67 -3.18
C PHE D 160 25.77 -19.79 -1.69
N ALA D 161 26.38 -20.89 -1.28
CA ALA D 161 26.41 -21.29 0.12
C ALA D 161 27.49 -20.55 0.89
N TYR D 162 27.35 -20.57 2.22
CA TYR D 162 28.35 -19.94 3.07
C TYR D 162 29.70 -20.63 2.95
N ASP D 163 29.71 -21.92 2.60
CA ASP D 163 30.94 -22.69 2.49
C ASP D 163 31.59 -22.61 1.10
N ARG D 164 31.13 -21.69 0.25
CA ARG D 164 31.50 -21.71 -1.17
C ARG D 164 32.99 -21.55 -1.40
N ARG D 165 33.72 -20.93 -0.47
CA ARG D 165 35.15 -20.75 -0.62
C ARG D 165 35.94 -21.98 -0.20
N GLU D 166 35.29 -22.96 0.44
CA GLU D 166 35.97 -24.10 1.03
C GLU D 166 35.91 -25.35 0.16
N THR D 167 35.05 -25.39 -0.84
CA THR D 167 34.88 -26.52 -1.73
C THR D 167 34.91 -26.05 -3.18
N PRO D 168 35.40 -26.90 -4.10
CA PRO D 168 35.27 -26.56 -5.53
C PRO D 168 33.84 -26.63 -6.01
N ASP D 169 32.96 -27.36 -5.31
CA ASP D 169 31.55 -27.40 -5.64
C ASP D 169 30.86 -26.16 -5.04
N ASN D 170 31.12 -25.02 -5.67
CA ASN D 170 30.64 -23.74 -5.17
C ASN D 170 29.39 -23.23 -5.88
N ASN D 171 28.86 -23.98 -6.86
CA ASN D 171 27.67 -23.68 -7.66
C ASN D 171 27.96 -22.67 -8.77
N TYR D 172 29.21 -22.19 -8.91
CA TYR D 172 29.50 -21.22 -9.96
C TYR D 172 29.38 -21.83 -11.35
N ALA D 173 29.87 -23.04 -11.54
CA ALA D 173 29.78 -23.69 -12.83
C ALA D 173 28.34 -23.72 -13.28
N GLU D 174 27.49 -24.17 -12.38
CA GLU D 174 26.09 -24.28 -12.63
C GLU D 174 25.48 -22.95 -13.03
N PHE D 175 25.82 -21.91 -12.31
CA PHE D 175 25.30 -20.60 -12.58
C PHE D 175 25.71 -20.13 -13.98
N CYS D 176 26.95 -20.31 -14.34
CA CYS D 176 27.41 -19.91 -15.63
C CYS D 176 26.76 -20.72 -16.73
N HIS D 177 26.68 -22.00 -16.56
CA HIS D 177 26.11 -22.84 -17.56
C HIS D 177 24.65 -22.48 -17.83
N LEU D 178 23.84 -22.32 -16.81
CA LEU D 178 22.43 -22.00 -16.96
C LEU D 178 22.19 -20.60 -17.41
N THR D 179 23.08 -19.71 -17.06
CA THR D 179 22.98 -18.36 -17.52
C THR D 179 23.20 -18.32 -19.03
N HIS D 180 24.05 -19.16 -19.56
CA HIS D 180 24.22 -19.30 -20.98
C HIS D 180 23.06 -19.96 -21.71
N LEU D 181 22.34 -20.85 -21.07
CA LEU D 181 21.28 -21.58 -21.69
C LEU D 181 19.87 -21.05 -21.47
N THR D 182 19.72 -20.02 -20.69
CA THR D 182 18.41 -19.49 -20.39
C THR D 182 18.29 -18.01 -20.62
N GLN D 183 17.13 -17.46 -20.32
CA GLN D 183 16.97 -16.02 -20.39
C GLN D 183 17.63 -15.30 -19.22
N GLY D 184 18.08 -16.03 -18.22
CA GLY D 184 18.78 -15.44 -17.08
C GLY D 184 18.59 -16.26 -15.83
N VAL D 185 19.54 -16.10 -14.90
CA VAL D 185 19.47 -16.72 -13.58
C VAL D 185 19.54 -15.59 -12.57
N ARG D 186 18.46 -15.43 -11.80
CA ARG D 186 18.44 -14.41 -10.77
C ARG D 186 19.18 -14.88 -9.52
N ARG D 187 19.52 -13.93 -8.66
CA ARG D 187 20.05 -14.23 -7.33
C ARG D 187 19.42 -13.20 -6.40
N SER D 188 18.43 -13.64 -5.61
CA SER D 188 17.67 -12.77 -4.73
C SER D 188 18.26 -12.67 -3.33
N GLY D 189 18.83 -13.77 -2.82
CA GLY D 189 19.35 -13.82 -1.48
C GLY D 189 18.43 -14.42 -0.44
N SER D 190 17.28 -14.97 -0.85
CA SER D 190 16.39 -15.68 0.08
C SER D 190 15.88 -16.95 -0.57
N ALA D 191 16.29 -18.11 -0.04
CA ALA D 191 15.87 -19.39 -0.60
C ALA D 191 14.38 -19.60 -0.47
N ALA D 192 13.79 -19.19 0.66
CA ALA D 192 12.35 -19.37 0.85
C ALA D 192 11.56 -18.54 -0.17
N LEU D 193 11.97 -17.29 -0.39
CA LEU D 193 11.29 -16.48 -1.39
C LEU D 193 11.52 -17.04 -2.79
N ASP D 194 12.69 -17.60 -3.06
CA ASP D 194 12.92 -18.20 -4.38
C ASP D 194 11.92 -19.32 -4.64
N LEU D 195 11.68 -20.18 -3.64
CA LEU D 195 10.69 -21.23 -3.79
C LEU D 195 9.29 -20.65 -4.00
N ALA D 196 8.95 -19.61 -3.24
CA ALA D 196 7.66 -18.96 -3.43
C ALA D 196 7.53 -18.37 -4.83
N HIS D 197 8.64 -17.88 -5.40
CA HIS D 197 8.58 -17.32 -6.74
C HIS D 197 8.40 -18.42 -7.79
N VAL D 198 8.94 -19.61 -7.57
CA VAL D 198 8.57 -20.72 -8.44
C VAL D 198 7.10 -21.04 -8.27
N ALA D 199 6.61 -21.03 -7.04
CA ALA D 199 5.23 -21.43 -6.78
C ALA D 199 4.23 -20.54 -7.51
N CYS D 200 4.52 -19.24 -7.64
CA CYS D 200 3.58 -18.35 -8.31
C CYS D 200 3.99 -18.02 -9.75
N GLY D 201 5.01 -18.69 -10.29
CA GLY D 201 5.34 -18.56 -11.70
C GLY D 201 6.23 -17.38 -12.05
N ARG D 202 6.77 -16.67 -11.07
CA ARG D 202 7.65 -15.55 -11.38
C ARG D 202 8.99 -16.03 -11.92
N VAL D 203 9.40 -17.24 -11.56
CA VAL D 203 10.50 -17.93 -12.21
C VAL D 203 10.00 -19.34 -12.55
N ASP D 204 10.76 -20.03 -13.40
CA ASP D 204 10.38 -21.36 -13.85
C ASP D 204 11.08 -22.47 -13.08
N GLY D 205 12.14 -22.14 -12.34
CA GLY D 205 12.90 -23.18 -11.65
C GLY D 205 13.94 -22.56 -10.73
N TYR D 206 14.34 -23.36 -9.76
CA TYR D 206 15.26 -22.94 -8.72
C TYR D 206 16.09 -24.15 -8.31
N TRP D 207 17.40 -23.95 -8.12
CA TRP D 207 18.26 -24.98 -7.58
C TRP D 207 19.27 -24.34 -6.64
N GLU D 208 19.71 -25.12 -5.65
CA GLU D 208 20.73 -24.60 -4.74
C GLU D 208 21.32 -25.78 -3.96
N ARG D 209 22.59 -25.64 -3.58
CA ARG D 209 23.22 -26.55 -2.65
C ARG D 209 23.56 -25.81 -1.36
N GLY D 210 23.77 -26.58 -0.29
CA GLY D 210 24.11 -26.00 0.99
C GLY D 210 22.96 -25.31 1.70
N ILE D 211 21.71 -25.70 1.41
CA ILE D 211 20.57 -25.10 2.08
C ILE D 211 20.19 -25.95 3.29
N SER D 212 19.36 -25.39 4.17
CA SER D 212 18.94 -26.05 5.40
C SER D 212 17.45 -26.39 5.35
N PRO D 213 17.01 -27.34 6.18
CA PRO D 213 15.58 -27.70 6.16
C PRO D 213 14.66 -26.52 6.39
N TRP D 214 14.99 -25.65 7.35
CA TRP D 214 14.12 -24.50 7.60
C TRP D 214 14.11 -23.51 6.44
N ASP D 215 15.10 -23.57 5.54
CA ASP D 215 15.07 -22.71 4.35
C ASP D 215 14.01 -23.17 3.36
N VAL D 216 13.69 -24.45 3.33
CA VAL D 216 12.97 -25.00 2.18
C VAL D 216 11.67 -25.71 2.52
N VAL D 217 11.45 -26.15 3.76
CA VAL D 217 10.32 -27.04 4.03
C VAL D 217 9.00 -26.37 3.64
N ALA D 218 8.81 -25.13 4.08
CA ALA D 218 7.56 -24.44 3.75
C ALA D 218 7.42 -24.24 2.24
N GLY D 219 8.52 -23.87 1.57
CA GLY D 219 8.46 -23.63 0.14
C GLY D 219 8.18 -24.88 -0.67
N VAL D 220 8.68 -26.03 -0.20
CA VAL D 220 8.50 -27.28 -0.95
C VAL D 220 7.01 -27.63 -1.05
N ILE D 221 6.29 -27.60 0.07
CA ILE D 221 4.88 -27.96 0.00
C ILE D 221 4.10 -26.87 -0.73
N LEU D 222 4.47 -25.60 -0.54
CA LEU D 222 3.85 -24.52 -1.30
C LEU D 222 3.96 -24.77 -2.80
N LEU D 223 5.16 -25.11 -3.26
CA LEU D 223 5.39 -25.30 -4.69
C LEU D 223 4.65 -26.54 -5.19
N GLU D 224 4.67 -27.62 -4.43
CA GLU D 224 3.96 -28.82 -4.86
C GLU D 224 2.45 -28.56 -4.97
N GLU D 225 1.88 -27.84 -4.01
CA GLU D 225 0.46 -27.50 -4.12
C GLU D 225 0.19 -26.60 -5.31
N ALA D 226 1.15 -25.74 -5.68
CA ALA D 226 1.01 -24.88 -6.84
C ALA D 226 1.21 -25.60 -8.16
N GLY D 227 1.55 -26.89 -8.14
CA GLY D 227 1.71 -27.67 -9.34
C GLY D 227 3.15 -27.95 -9.75
N GLY D 228 4.13 -27.63 -8.92
CA GLY D 228 5.51 -27.81 -9.25
C GLY D 228 6.06 -29.16 -8.80
N LYS D 229 7.38 -29.30 -8.92
CA LYS D 229 8.07 -30.54 -8.64
C LYS D 229 9.40 -30.25 -7.94
N VAL D 230 9.71 -31.05 -6.93
CA VAL D 230 10.91 -30.85 -6.11
C VAL D 230 11.64 -32.18 -5.98
N THR D 231 12.90 -32.22 -6.41
CA THR D 231 13.72 -33.42 -6.39
C THR D 231 15.16 -33.06 -6.06
N ALA D 232 16.03 -34.08 -6.06
CA ALA D 232 17.46 -33.85 -6.14
C ALA D 232 17.83 -33.37 -7.54
N TYR D 233 19.10 -32.97 -7.71
CA TYR D 233 19.53 -32.45 -9.01
C TYR D 233 19.29 -33.46 -10.13
N ASP D 234 19.50 -34.74 -9.86
CA ASP D 234 19.39 -35.77 -10.88
C ASP D 234 17.98 -36.34 -11.01
N SER D 235 16.98 -35.70 -10.39
CA SER D 235 15.56 -36.06 -10.43
C SER D 235 15.22 -37.29 -9.59
N THR D 236 16.18 -37.85 -8.85
CA THR D 236 15.86 -38.81 -7.81
C THR D 236 15.24 -38.06 -6.63
N PRO D 237 14.59 -38.76 -5.70
CA PRO D 237 13.81 -38.07 -4.67
C PRO D 237 14.60 -37.03 -3.89
N LEU D 238 13.90 -35.98 -3.49
CA LEU D 238 14.49 -34.93 -2.66
C LEU D 238 15.01 -35.52 -1.36
N LYS D 239 16.24 -35.16 -1.00
CA LYS D 239 16.84 -35.54 0.29
C LYS D 239 17.37 -34.26 0.94
N ILE D 240 16.55 -33.65 1.79
CA ILE D 240 16.87 -32.35 2.35
C ILE D 240 18.17 -32.40 3.15
N ALA D 241 18.47 -33.54 3.77
CA ALA D 241 19.68 -33.66 4.59
C ALA D 241 20.94 -33.43 3.77
N THR D 242 20.91 -33.70 2.46
CA THR D 242 22.07 -33.43 1.61
C THR D 242 22.25 -31.95 1.33
N GLY D 243 21.26 -31.12 1.65
CA GLY D 243 21.38 -29.69 1.40
C GLY D 243 21.23 -29.27 -0.04
N ARG D 244 20.79 -30.16 -0.93
CA ARG D 244 20.64 -29.86 -2.35
C ARG D 244 19.17 -29.95 -2.73
N ILE D 245 18.71 -29.03 -3.59
CA ILE D 245 17.30 -28.99 -3.98
C ILE D 245 17.18 -28.53 -5.42
N LEU D 246 16.30 -29.19 -6.17
CA LEU D 246 15.92 -28.78 -7.51
C LEU D 246 14.40 -28.64 -7.51
N ALA D 247 13.92 -27.43 -7.78
CA ALA D 247 12.51 -27.11 -7.60
C ALA D 247 12.03 -26.30 -8.79
N THR D 248 11.09 -26.85 -9.56
CA THR D 248 10.69 -26.24 -10.82
C THR D 248 9.18 -26.29 -10.95
N ASN D 249 8.68 -25.71 -12.05
CA ASN D 249 7.28 -25.76 -12.45
C ASN D 249 6.84 -27.13 -12.92
N GLY D 250 7.73 -28.11 -12.98
CA GLY D 250 7.41 -29.46 -13.40
C GLY D 250 7.62 -29.70 -14.88
N SER D 251 7.26 -28.72 -15.69
CA SER D 251 7.37 -28.87 -17.14
C SER D 251 8.82 -28.74 -17.61
N ILE D 252 9.61 -27.95 -16.90
CA ILE D 252 11.02 -27.77 -17.25
C ILE D 252 11.95 -28.66 -16.43
N HIS D 253 11.39 -29.53 -15.58
CA HIS D 253 12.20 -30.26 -14.61
C HIS D 253 13.26 -31.14 -15.28
N ASP D 254 12.86 -31.88 -16.32
CA ASP D 254 13.81 -32.82 -16.94
C ASP D 254 14.94 -32.08 -17.65
N ASN D 255 14.61 -31.02 -18.41
CA ASN D 255 15.64 -30.26 -19.08
C ASN D 255 16.59 -29.60 -18.09
N LEU D 256 16.06 -29.02 -17.00
CA LEU D 256 16.93 -28.40 -16.02
C LEU D 256 17.78 -29.43 -15.28
N SER D 257 17.19 -30.57 -14.94
CA SER D 257 17.96 -31.63 -14.29
C SER D 257 19.12 -32.09 -15.18
N ARG D 258 18.85 -32.31 -16.46
CA ARG D 258 19.90 -32.76 -17.37
C ARG D 258 21.00 -31.71 -17.51
N ALA D 259 20.63 -30.43 -17.62
CA ALA D 259 21.63 -29.38 -17.74
C ALA D 259 22.51 -29.32 -16.50
N LEU D 260 21.92 -29.45 -15.31
CA LEU D 260 22.71 -29.42 -14.09
C LEU D 260 23.63 -30.63 -13.98
N MET D 261 23.19 -31.80 -14.43
CA MET D 261 24.05 -32.96 -14.31
C MET D 261 25.17 -32.96 -15.34
N GLN D 262 24.97 -32.31 -16.48
CA GLN D 262 25.97 -32.21 -17.54
C GLN D 262 26.96 -31.07 -17.34
N VAL D 263 26.81 -30.29 -16.28
CA VAL D 263 27.49 -29.00 -16.12
C VAL D 263 28.98 -29.10 -16.40
N PRO D 264 29.51 -28.31 -17.32
CA PRO D 264 30.96 -28.25 -17.52
C PRO D 264 31.63 -27.54 -16.36
N PRO D 265 32.82 -27.96 -15.96
CA PRO D 265 33.53 -27.25 -14.90
C PRO D 265 33.98 -25.87 -15.37
N LEU D 266 34.26 -25.00 -14.41
CA LEU D 266 34.72 -23.65 -14.72
C LEU D 266 35.99 -23.69 -15.56
N SER D 267 36.86 -24.66 -15.25
CA SER D 267 38.12 -24.84 -15.96
C SER D 267 37.93 -25.09 -17.45
N ALA D 268 36.73 -25.49 -17.89
CA ALA D 268 36.47 -25.73 -19.30
C ALA D 268 36.15 -24.46 -20.08
N TRP D 269 35.95 -23.33 -19.39
CA TRP D 269 35.71 -22.04 -20.03
C TRP D 269 37.03 -21.34 -20.34
N GLU D 270 36.96 -20.36 -21.21
CA GLU D 270 38.11 -19.45 -21.38
C GLU D 270 38.14 -18.47 -20.21
#